data_7Y9U
#
_entry.id   7Y9U
#
_cell.length_a   1.00
_cell.length_b   1.00
_cell.length_c   1.00
_cell.angle_alpha   90.00
_cell.angle_beta   90.00
_cell.angle_gamma   90.00
#
_symmetry.space_group_name_H-M   'P 1'
#
loop_
_entity.id
_entity.type
_entity.pdbx_description
1 polymer 'Auxin efflux carrier component 1'
2 polymer nanobody
3 non-polymer '2-(naphthalen-1-ylcarbamoyl)benzoic acid'
#
loop_
_entity_poly.entity_id
_entity_poly.type
_entity_poly.pdbx_seq_one_letter_code
_entity_poly.pdbx_strand_id
1 'polypeptide(L)'
;MITAADFYHVMTAMVPLYVAMILAYGSVKWWKIFTPDQCSGINRFVALFAVPLLSFHFIAANNPYAMNLRFLAADSLQKV
IVLSLLFLWCKLSRNGSLDWTITLFSLSTLPNTLVMGIPLLKGMYGNFSGDLMVQIVVLQCIIWYTLMLFLFEYRGAKLL
ISEQFPDTAGSIVSIHVDSDIMSLDGRQPLETEAEIKEDGKLHVTVRRSNASRSDIYSRRSQGLSATPRPSNLTNAEIYS
LQSSRNPTPRGSSFNHTDFYSMMASGGGRNSNFGPGEAVFGSKGPTPRPSNYEEDGGPAKPTAAGTAAGAGRFHYQSGGS
GGGGGAHYPAPNPGMFSPNTGGGGGTAAKGNAPVVGGKRQDGNGRDLHMFVWSSSASPVSDVFGGGGGNHHADYSTATND
HQKDVKISVPQGNSNDNQYVEREEFSFGNKDDDSKVLATDGGNNISNKTTQAKVMPPTSVMTRLILIMVWRKLIRNPNSY
SSLFGITWSLISFKWNIEMPALIAKSISILSDAGLGMAMFSLGLFMALNPRIIACGNRRAAFAAAMRFVVGPAVMLVASY
AVGLRGVLLHVAIIQAALPQGIVPFVFAKEYNVHPDILSTAVIFGMLIALPITLLYYILLGL
;
A,B
2 'polypeptide(L)'
;GSSSQVQLVESGGGLVQAGGSLRLSCAASGFPVNISWMEWYRQVPGKEREWVAAIQSTGSYTWYADSVKGRFTISRDNAK
NTVYLQMNSLKPEDTAVYYCRVKVGAYYRGQGTQVTVSAGRAG
;
C,D
#
# COMPACT_ATOMS: atom_id res chain seq x y z
N MET A 1 -11.77 -46.62 5.67
CA MET A 1 -11.17 -45.70 4.71
C MET A 1 -11.92 -44.38 4.71
N ILE A 2 -11.58 -43.51 3.77
CA ILE A 2 -12.28 -42.25 3.61
C ILE A 2 -13.40 -42.41 2.58
N THR A 3 -14.43 -41.59 2.71
CA THR A 3 -15.52 -41.54 1.76
C THR A 3 -15.35 -40.35 0.84
N ALA A 4 -16.14 -40.34 -0.24
CA ALA A 4 -16.01 -39.28 -1.23
C ALA A 4 -16.56 -37.95 -0.74
N ALA A 5 -17.38 -37.97 0.32
CA ALA A 5 -17.87 -36.71 0.89
C ALA A 5 -16.77 -36.00 1.66
N ASP A 6 -15.79 -36.74 2.18
CA ASP A 6 -14.71 -36.12 2.93
C ASP A 6 -13.78 -35.33 2.02
N PHE A 7 -13.68 -35.71 0.75
CA PHE A 7 -12.88 -34.95 -0.20
C PHE A 7 -13.53 -33.62 -0.54
N TYR A 8 -14.84 -33.49 -0.35
CA TYR A 8 -15.48 -32.20 -0.54
C TYR A 8 -15.31 -31.30 0.67
N HIS A 9 -15.20 -31.87 1.88
CA HIS A 9 -14.98 -31.03 3.06
C HIS A 9 -13.57 -30.48 3.11
N VAL A 10 -12.60 -31.18 2.55
CA VAL A 10 -11.24 -30.66 2.48
C VAL A 10 -11.15 -29.54 1.45
N MET A 11 -11.79 -29.72 0.29
CA MET A 11 -11.79 -28.70 -0.75
C MET A 11 -12.63 -27.49 -0.38
N THR A 12 -13.60 -27.63 0.51
CA THR A 12 -14.40 -26.48 0.93
C THR A 12 -13.57 -25.53 1.79
N ALA A 13 -12.56 -26.04 2.49
CA ALA A 13 -11.78 -25.24 3.41
C ALA A 13 -10.47 -24.73 2.82
N MET A 14 -10.04 -25.24 1.67
CA MET A 14 -8.73 -24.93 1.14
C MET A 14 -8.75 -24.26 -0.24
N VAL A 15 -9.73 -24.58 -1.08
CA VAL A 15 -9.90 -23.83 -2.34
C VAL A 15 -10.19 -22.36 -2.11
N PRO A 16 -10.94 -21.92 -1.09
CA PRO A 16 -10.98 -20.47 -0.80
C PRO A 16 -9.67 -19.84 -0.37
N LEU A 17 -8.63 -20.60 -0.07
CA LEU A 17 -7.35 -19.98 0.27
C LEU A 17 -6.52 -19.71 -0.97
N TYR A 18 -6.58 -20.57 -1.97
CA TYR A 18 -5.81 -20.34 -3.18
C TYR A 18 -6.45 -19.32 -4.10
N VAL A 19 -7.75 -19.02 -3.92
CA VAL A 19 -8.39 -18.01 -4.74
C VAL A 19 -7.89 -16.62 -4.38
N ALA A 20 -7.73 -16.35 -3.09
CA ALA A 20 -7.19 -15.07 -2.66
C ALA A 20 -5.69 -14.93 -2.92
N MET A 21 -5.01 -16.00 -3.31
CA MET A 21 -3.59 -15.94 -3.58
C MET A 21 -3.31 -15.75 -5.07
N ILE A 22 -4.18 -16.24 -5.95
CA ILE A 22 -3.98 -16.06 -7.38
C ILE A 22 -4.50 -14.69 -7.83
N LEU A 23 -5.49 -14.13 -7.12
CA LEU A 23 -5.93 -12.77 -7.44
C LEU A 23 -4.86 -11.75 -7.13
N ALA A 24 -3.99 -12.01 -6.16
CA ALA A 24 -2.92 -11.10 -5.85
C ALA A 24 -1.68 -11.33 -6.69
N TYR A 25 -1.47 -12.56 -7.14
CA TYR A 25 -0.40 -12.82 -8.10
C TYR A 25 -0.75 -12.25 -9.46
N GLY A 26 -2.00 -12.37 -9.87
CA GLY A 26 -2.39 -11.89 -11.17
C GLY A 26 -2.49 -10.38 -11.26
N SER A 27 -2.79 -9.72 -10.16
CA SER A 27 -2.94 -8.27 -10.22
C SER A 27 -1.61 -7.54 -10.21
N VAL A 28 -0.50 -8.23 -10.07
CA VAL A 28 0.83 -7.64 -10.16
C VAL A 28 1.58 -8.16 -11.39
N LYS A 29 1.57 -9.46 -11.59
CA LYS A 29 2.32 -10.05 -12.70
C LYS A 29 1.58 -9.87 -14.02
N TRP A 30 0.29 -10.21 -14.05
CA TRP A 30 -0.48 -10.30 -15.29
C TRP A 30 -1.13 -8.98 -15.67
N TRP A 31 -1.97 -8.43 -14.81
CA TRP A 31 -2.78 -7.27 -15.19
C TRP A 31 -2.30 -5.96 -14.60
N LYS A 32 -1.28 -5.98 -13.73
CA LYS A 32 -0.45 -4.83 -13.37
C LYS A 32 -1.25 -3.71 -12.70
N ILE A 33 -1.96 -4.06 -11.63
CA ILE A 33 -2.73 -3.07 -10.88
C ILE A 33 -1.86 -2.36 -9.85
N PHE A 34 -0.99 -3.08 -9.14
CA PHE A 34 -0.23 -2.51 -8.04
C PHE A 34 1.20 -2.20 -8.46
N THR A 35 1.63 -0.97 -8.22
CA THR A 35 3.03 -0.61 -8.29
C THR A 35 3.79 -1.34 -7.18
N PRO A 36 5.05 -1.73 -7.39
CA PRO A 36 5.82 -2.39 -6.31
C PRO A 36 6.06 -1.56 -5.06
N ASP A 37 5.74 -0.27 -5.04
CA ASP A 37 5.76 0.49 -3.81
C ASP A 37 4.38 0.54 -3.16
N GLN A 38 3.32 0.60 -3.97
CA GLN A 38 1.97 0.39 -3.45
C GLN A 38 1.79 -1.01 -2.90
N CYS A 39 2.46 -1.98 -3.49
CA CYS A 39 2.39 -3.37 -3.05
C CYS A 39 3.15 -3.60 -1.75
N SER A 40 4.01 -2.66 -1.35
CA SER A 40 4.74 -2.76 -0.10
C SER A 40 3.95 -2.23 1.09
N GLY A 41 2.87 -1.49 0.84
CA GLY A 41 2.04 -1.01 1.93
C GLY A 41 0.94 -1.93 2.32
N ILE A 42 0.72 -2.99 1.55
CA ILE A 42 -0.22 -4.03 1.93
C ILE A 42 0.44 -5.07 2.82
N ASN A 43 1.69 -5.45 2.48
CA ASN A 43 2.45 -6.36 3.34
C ASN A 43 2.78 -5.71 4.68
N ARG A 44 2.94 -4.39 4.71
CA ARG A 44 3.19 -3.68 5.96
C ARG A 44 1.98 -3.67 6.87
N PHE A 45 0.78 -3.74 6.29
CA PHE A 45 -0.45 -3.77 7.09
C PHE A 45 -0.74 -5.18 7.61
N VAL A 46 -0.54 -6.19 6.77
CA VAL A 46 -0.78 -7.58 7.17
C VAL A 46 0.19 -7.99 8.27
N ALA A 47 1.42 -7.50 8.22
CA ALA A 47 2.41 -7.92 9.19
C ALA A 47 2.20 -7.26 10.54
N LEU A 48 1.59 -6.08 10.58
CA LEU A 48 1.45 -5.35 11.84
C LEU A 48 0.06 -5.43 12.46
N PHE A 49 -1.00 -5.34 11.66
CA PHE A 49 -2.35 -5.24 12.20
C PHE A 49 -3.20 -6.48 11.98
N ALA A 50 -3.12 -7.15 10.83
CA ALA A 50 -4.09 -8.19 10.53
C ALA A 50 -3.75 -9.51 11.20
N VAL A 51 -2.51 -9.95 11.07
CA VAL A 51 -2.09 -11.24 11.64
C VAL A 51 -1.83 -11.19 13.15
N PRO A 52 -1.25 -10.14 13.76
CA PRO A 52 -1.21 -10.11 15.23
C PRO A 52 -2.56 -9.95 15.91
N LEU A 53 -3.63 -9.67 15.18
CA LEU A 53 -4.97 -9.76 15.74
C LEU A 53 -5.68 -11.06 15.37
N LEU A 54 -5.19 -11.77 14.35
CA LEU A 54 -5.71 -13.10 14.09
C LEU A 54 -5.20 -14.09 15.14
N SER A 55 -3.97 -13.88 15.63
CA SER A 55 -3.44 -14.76 16.65
C SER A 55 -3.96 -14.43 18.03
N PHE A 56 -4.52 -13.24 18.24
CA PHE A 56 -5.18 -12.97 19.51
C PHE A 56 -6.55 -13.61 19.58
N HIS A 57 -7.22 -13.75 18.43
CA HIS A 57 -8.54 -14.34 18.39
C HIS A 57 -8.51 -15.83 18.73
N PHE A 58 -7.40 -16.50 18.44
CA PHE A 58 -7.26 -17.93 18.67
C PHE A 58 -6.72 -18.25 20.05
N ILE A 59 -5.77 -17.46 20.55
CA ILE A 59 -5.14 -17.78 21.82
C ILE A 59 -6.03 -17.36 22.99
N ALA A 60 -6.85 -16.33 22.83
CA ALA A 60 -7.74 -15.92 23.91
C ALA A 60 -8.92 -16.86 24.08
N ALA A 61 -9.22 -17.70 23.09
CA ALA A 61 -10.28 -18.68 23.19
C ALA A 61 -9.76 -20.06 23.59
N ASN A 62 -8.45 -20.23 23.68
CA ASN A 62 -7.86 -21.45 24.20
C ASN A 62 -8.19 -21.61 25.66
N ASN A 63 -8.35 -22.86 26.10
CA ASN A 63 -8.59 -23.15 27.51
C ASN A 63 -7.31 -23.77 28.07
N PRO A 64 -6.47 -23.01 28.77
CA PRO A 64 -5.18 -23.56 29.19
C PRO A 64 -5.25 -24.52 30.37
N TYR A 65 -6.43 -24.75 30.92
CA TYR A 65 -6.57 -25.69 32.03
C TYR A 65 -6.98 -27.07 31.57
N ALA A 66 -7.25 -27.24 30.28
CA ALA A 66 -7.65 -28.52 29.73
C ALA A 66 -6.92 -28.76 28.41
N MET A 67 -5.62 -28.49 28.40
CA MET A 67 -4.81 -28.82 27.24
C MET A 67 -4.52 -30.31 27.22
N ASN A 68 -4.12 -30.81 26.06
CA ASN A 68 -3.82 -32.23 25.89
C ASN A 68 -2.32 -32.39 26.09
N LEU A 69 -1.92 -32.85 27.27
CA LEU A 69 -0.51 -32.82 27.66
C LEU A 69 0.32 -33.93 27.02
N ARG A 70 -0.30 -35.01 26.56
CA ARG A 70 0.48 -36.07 25.93
C ARG A 70 0.73 -35.80 24.45
N PHE A 71 -0.24 -35.21 23.75
CA PHE A 71 -0.03 -34.72 22.40
C PHE A 71 1.00 -33.61 22.36
N LEU A 72 1.02 -32.77 23.40
CA LEU A 72 1.84 -31.57 23.39
C LEU A 72 3.28 -31.87 23.80
N ALA A 73 3.57 -33.07 24.30
CA ALA A 73 4.92 -33.50 24.57
C ALA A 73 5.54 -34.29 23.42
N ALA A 74 4.74 -34.79 22.49
CA ALA A 74 5.27 -35.38 21.28
C ALA A 74 5.64 -34.34 20.23
N ASP A 75 5.14 -33.12 20.38
CA ASP A 75 5.56 -31.99 19.56
C ASP A 75 6.83 -31.33 20.08
N SER A 76 7.03 -31.31 21.40
CA SER A 76 8.23 -30.77 22.01
C SER A 76 9.36 -31.79 22.10
N LEU A 77 9.13 -33.02 21.66
CA LEU A 77 10.19 -34.00 21.56
C LEU A 77 10.74 -34.11 20.13
N GLN A 78 9.94 -33.73 19.14
CA GLN A 78 10.46 -33.57 17.78
C GLN A 78 11.60 -32.58 17.75
N LYS A 79 11.42 -31.44 18.40
CA LYS A 79 12.35 -30.33 18.32
C LYS A 79 13.47 -30.42 19.34
N VAL A 80 13.65 -31.59 19.96
CA VAL A 80 14.81 -31.88 20.78
C VAL A 80 15.67 -32.97 20.14
N ILE A 81 15.03 -33.94 19.49
CA ILE A 81 15.76 -34.93 18.70
C ILE A 81 16.47 -34.27 17.53
N VAL A 82 15.81 -33.31 16.89
CA VAL A 82 16.42 -32.62 15.75
C VAL A 82 17.50 -31.67 16.22
N LEU A 83 17.25 -30.95 17.31
CA LEU A 83 18.20 -29.94 17.76
C LEU A 83 19.39 -30.55 18.48
N SER A 84 19.36 -31.85 18.78
CA SER A 84 20.52 -32.52 19.35
C SER A 84 21.34 -33.27 18.32
N LEU A 85 20.77 -33.65 17.18
CA LEU A 85 21.60 -34.27 16.15
C LEU A 85 22.42 -33.23 15.42
N LEU A 86 21.92 -32.01 15.29
CA LEU A 86 22.70 -30.93 14.73
C LEU A 86 23.81 -30.48 15.68
N PHE A 87 23.66 -30.73 16.97
CA PHE A 87 24.71 -30.42 17.94
C PHE A 87 25.83 -31.45 17.90
N LEU A 88 25.53 -32.68 17.50
CA LEU A 88 26.56 -33.69 17.25
C LEU A 88 27.10 -33.62 15.83
N TRP A 89 26.88 -32.52 15.12
CA TRP A 89 27.42 -32.32 13.79
C TRP A 89 28.39 -31.16 13.74
N CYS A 90 28.04 -30.02 14.32
CA CYS A 90 28.95 -28.89 14.33
C CYS A 90 30.00 -28.98 15.44
N LYS A 91 29.90 -29.98 16.32
CA LYS A 91 30.90 -30.22 17.33
C LYS A 91 31.77 -31.43 17.05
N LEU A 92 31.39 -32.28 16.09
CA LEU A 92 32.15 -33.49 15.77
C LEU A 92 32.63 -33.53 14.33
N SER A 93 31.82 -33.09 13.38
CA SER A 93 32.35 -32.95 12.03
C SER A 93 33.14 -31.66 11.94
N ARG A 94 34.02 -31.60 10.94
CA ARG A 94 34.95 -30.47 10.82
C ARG A 94 34.43 -29.34 9.96
N ASN A 95 33.47 -29.60 9.08
CA ASN A 95 32.86 -28.54 8.28
C ASN A 95 31.46 -28.17 8.73
N GLY A 96 31.17 -28.28 10.03
CA GLY A 96 29.89 -27.84 10.54
C GLY A 96 29.92 -26.39 10.97
N SER A 97 28.93 -25.61 10.54
CA SER A 97 28.85 -24.20 10.87
C SER A 97 27.58 -23.93 11.62
N LEU A 98 27.39 -22.66 12.00
CA LEU A 98 26.16 -22.25 12.65
C LEU A 98 25.19 -21.59 11.66
N ASP A 99 25.65 -21.29 10.44
CA ASP A 99 24.74 -20.86 9.40
C ASP A 99 23.81 -21.97 8.96
N TRP A 100 24.28 -23.23 9.01
CA TRP A 100 23.45 -24.35 8.63
C TRP A 100 22.69 -24.96 9.79
N THR A 101 23.12 -24.73 11.02
CA THR A 101 22.36 -25.24 12.16
C THR A 101 21.06 -24.48 12.31
N ILE A 102 21.03 -23.21 11.93
CA ILE A 102 19.77 -22.47 12.00
C ILE A 102 18.86 -22.85 10.84
N THR A 103 19.42 -23.03 9.65
CA THR A 103 18.60 -23.25 8.47
C THR A 103 18.01 -24.66 8.45
N LEU A 104 18.76 -25.66 8.89
CA LEU A 104 18.21 -27.00 8.93
C LEU A 104 17.25 -27.22 10.09
N PHE A 105 17.26 -26.34 11.08
CA PHE A 105 16.24 -26.36 12.12
C PHE A 105 14.97 -25.65 11.70
N SER A 106 15.08 -24.61 10.87
CA SER A 106 13.90 -23.89 10.42
C SER A 106 13.14 -24.64 9.34
N LEU A 107 13.84 -25.37 8.47
CA LEU A 107 13.18 -26.12 7.42
C LEU A 107 12.42 -27.30 7.98
N SER A 108 13.09 -28.13 8.77
CA SER A 108 12.49 -29.42 9.10
C SER A 108 11.47 -29.35 10.22
N THR A 109 11.51 -28.35 11.10
CA THR A 109 10.69 -28.42 12.32
C THR A 109 9.87 -27.18 12.61
N LEU A 110 9.58 -26.32 11.65
CA LEU A 110 8.72 -25.16 11.89
C LEU A 110 7.80 -24.92 10.70
N PRO A 111 6.58 -25.48 10.73
CA PRO A 111 5.67 -25.31 9.60
C PRO A 111 4.79 -24.07 9.67
N ASN A 112 3.73 -23.93 8.84
CA ASN A 112 2.77 -22.81 8.75
C ASN A 112 1.68 -23.32 9.41
N THR A 113 1.43 -22.93 10.60
CA THR A 113 0.39 -23.51 11.44
C THR A 113 -0.81 -22.60 11.61
N LEU A 114 -0.63 -21.28 11.60
CA LEU A 114 -1.71 -20.38 11.94
C LEU A 114 -2.65 -20.14 10.77
N VAL A 115 -2.10 -19.84 9.60
CA VAL A 115 -2.95 -19.46 8.47
C VAL A 115 -3.48 -20.68 7.76
N MET A 116 -2.60 -21.62 7.42
CA MET A 116 -3.03 -22.80 6.67
C MET A 116 -3.37 -23.98 7.58
N GLY A 117 -2.73 -24.09 8.73
CA GLY A 117 -2.82 -25.34 9.49
C GLY A 117 -4.12 -25.52 10.24
N ILE A 118 -4.72 -24.44 10.72
CA ILE A 118 -5.98 -24.56 11.44
C ILE A 118 -7.15 -24.84 10.50
N PRO A 119 -7.36 -24.15 9.36
CA PRO A 119 -8.48 -24.56 8.49
C PRO A 119 -8.29 -25.90 7.80
N LEU A 120 -7.07 -26.36 7.61
CA LEU A 120 -6.86 -27.63 6.92
C LEU A 120 -7.20 -28.81 7.81
N LEU A 121 -6.70 -28.82 9.05
CA LEU A 121 -6.94 -29.96 9.92
C LEU A 121 -8.35 -29.95 10.48
N LYS A 122 -9.02 -28.81 10.48
CA LYS A 122 -10.40 -28.76 10.95
C LYS A 122 -11.35 -29.36 9.93
N GLY A 123 -11.01 -29.29 8.64
CA GLY A 123 -11.83 -29.91 7.63
C GLY A 123 -11.56 -31.38 7.43
N MET A 124 -10.33 -31.80 7.70
CA MET A 124 -9.98 -33.21 7.54
C MET A 124 -10.55 -34.05 8.68
N TYR A 125 -10.41 -33.60 9.92
CA TYR A 125 -10.75 -34.43 11.07
C TYR A 125 -11.82 -33.86 12.00
N GLY A 126 -12.17 -32.58 11.90
CA GLY A 126 -13.29 -32.08 12.66
C GLY A 126 -12.87 -31.01 13.64
N ASN A 127 -13.82 -30.57 14.46
CA ASN A 127 -13.61 -29.41 15.33
C ASN A 127 -12.76 -29.69 16.56
N PHE A 128 -12.37 -30.94 16.82
CA PHE A 128 -11.46 -31.15 17.94
C PHE A 128 -10.01 -30.99 17.53
N SER A 129 -9.68 -31.29 16.27
CA SER A 129 -8.31 -31.13 15.79
C SER A 129 -7.99 -29.70 15.42
N GLY A 130 -9.00 -28.84 15.28
CA GLY A 130 -8.75 -27.42 15.24
C GLY A 130 -8.54 -26.82 16.61
N ASP A 131 -8.86 -27.58 17.66
CA ASP A 131 -8.56 -27.16 19.02
C ASP A 131 -7.19 -27.62 19.45
N LEU A 132 -6.62 -28.61 18.75
CA LEU A 132 -5.26 -29.05 19.02
C LEU A 132 -4.24 -28.22 18.27
N MET A 133 -4.59 -27.66 17.11
CA MET A 133 -3.66 -26.81 16.39
C MET A 133 -3.44 -25.48 17.07
N VAL A 134 -4.40 -25.02 17.88
CA VAL A 134 -4.19 -23.77 18.60
C VAL A 134 -3.19 -23.99 19.72
N GLN A 135 -3.16 -25.19 20.28
CA GLN A 135 -2.18 -25.52 21.31
C GLN A 135 -0.76 -25.58 20.77
N ILE A 136 -0.59 -25.74 19.46
CA ILE A 136 0.73 -25.73 18.84
C ILE A 136 1.17 -24.31 18.46
N VAL A 137 0.22 -23.48 18.03
CA VAL A 137 0.48 -22.07 17.75
C VAL A 137 0.92 -21.32 19.01
N VAL A 138 0.40 -21.73 20.17
CA VAL A 138 0.84 -21.14 21.43
C VAL A 138 2.31 -21.47 21.70
N LEU A 139 2.71 -22.71 21.46
CA LEU A 139 4.08 -23.09 21.79
C LEU A 139 5.09 -22.64 20.74
N GLN A 140 4.66 -22.26 19.54
CA GLN A 140 5.63 -21.67 18.62
C GLN A 140 5.87 -20.21 18.90
N CYS A 141 4.81 -19.45 19.18
CA CYS A 141 4.96 -18.02 19.39
C CYS A 141 5.75 -17.70 20.64
N ILE A 142 5.68 -18.56 21.65
CA ILE A 142 6.17 -18.22 22.97
C ILE A 142 7.46 -18.95 23.33
N ILE A 143 7.82 -20.03 22.63
CA ILE A 143 9.06 -20.74 22.94
C ILE A 143 9.95 -20.87 21.70
N TRP A 144 9.44 -21.46 20.62
CA TRP A 144 10.33 -21.83 19.52
C TRP A 144 10.62 -20.69 18.57
N TYR A 145 9.93 -19.57 18.69
CA TYR A 145 10.31 -18.35 17.97
C TYR A 145 11.08 -17.39 18.85
N THR A 146 11.42 -17.79 20.06
CA THR A 146 12.28 -17.04 20.96
C THR A 146 13.65 -17.67 21.11
N LEU A 147 13.71 -19.01 21.17
CA LEU A 147 14.99 -19.72 21.08
C LEU A 147 15.69 -19.46 19.76
N MET A 148 14.92 -19.36 18.68
CA MET A 148 15.52 -19.08 17.39
C MET A 148 15.98 -17.63 17.28
N LEU A 149 15.44 -16.74 18.12
CA LEU A 149 15.93 -15.37 18.17
C LEU A 149 17.21 -15.27 18.98
N PHE A 150 17.41 -16.13 19.97
CA PHE A 150 18.70 -16.21 20.66
C PHE A 150 19.81 -16.75 19.78
N LEU A 151 19.48 -17.45 18.69
CA LEU A 151 20.53 -17.98 17.83
C LEU A 151 20.98 -16.96 16.81
N PHE A 152 20.07 -16.12 16.31
CA PHE A 152 20.48 -15.10 15.36
C PHE A 152 21.24 -13.98 16.03
N GLU A 153 21.00 -13.74 17.31
CA GLU A 153 21.75 -12.70 18.02
C GLU A 153 23.07 -13.21 18.56
N TYR A 154 23.21 -14.51 18.78
CA TYR A 154 24.52 -15.06 19.11
C TYR A 154 25.39 -15.18 17.88
N ARG A 155 24.78 -15.42 16.72
CA ARG A 155 25.54 -15.50 15.48
C ARG A 155 26.08 -14.15 15.09
N GLY A 156 25.34 -13.08 15.37
CA GLY A 156 25.80 -11.75 15.00
C GLY A 156 26.76 -11.14 15.99
N ALA A 157 26.57 -11.40 17.28
CA ALA A 157 27.48 -10.87 18.30
C ALA A 157 28.78 -11.65 18.40
N LYS A 158 29.00 -12.74 17.78
CA LYS A 158 30.29 -13.33 17.74
C LYS A 158 31.01 -12.94 16.52
N LEU A 159 30.37 -12.50 15.47
CA LEU A 159 31.13 -11.95 14.36
C LEU A 159 31.75 -10.61 14.70
N LEU A 160 31.03 -9.77 15.45
CA LEU A 160 31.52 -8.42 15.71
C LEU A 160 32.68 -8.42 16.70
N ILE A 161 32.81 -9.45 17.51
CA ILE A 161 33.93 -9.54 18.44
C ILE A 161 35.10 -10.32 17.83
N SER A 162 34.81 -11.36 17.05
CA SER A 162 35.90 -12.16 16.48
C SER A 162 36.58 -11.44 15.31
N GLU A 163 35.94 -10.42 14.74
CA GLU A 163 36.59 -9.67 13.67
C GLU A 163 37.42 -8.51 14.20
N GLN A 164 36.88 -7.79 15.16
CA GLN A 164 37.53 -6.61 15.72
C GLN A 164 38.42 -6.84 16.91
N PHE A 165 38.32 -7.92 17.60
CA PHE A 165 39.24 -8.27 18.69
C PHE A 165 39.80 -9.66 18.44
N PRO A 166 40.71 -9.81 17.46
CA PRO A 166 41.15 -11.16 17.10
C PRO A 166 42.14 -11.76 18.07
N ASP A 167 42.97 -10.94 18.72
CA ASP A 167 44.06 -11.42 19.55
C ASP A 167 44.00 -10.86 20.97
N THR A 168 42.90 -10.22 21.33
CA THR A 168 42.83 -9.45 22.56
C THR A 168 41.61 -9.79 23.40
N ALA A 169 40.58 -10.40 22.81
CA ALA A 169 39.25 -10.51 23.40
C ALA A 169 39.18 -11.34 24.67
N GLY A 170 40.27 -12.00 25.09
CA GLY A 170 40.25 -12.74 26.33
C GLY A 170 40.25 -11.88 27.57
N SER A 171 40.49 -10.58 27.44
CA SER A 171 40.60 -9.69 28.59
C SER A 171 39.47 -8.66 28.65
N ILE A 172 38.37 -8.89 27.95
CA ILE A 172 37.23 -7.97 27.98
C ILE A 172 36.45 -8.18 29.27
N VAL A 173 36.16 -7.09 29.97
CA VAL A 173 35.45 -7.16 31.24
C VAL A 173 33.95 -6.98 31.05
N SER A 174 33.53 -5.95 30.31
CA SER A 174 32.11 -5.72 30.12
C SER A 174 31.88 -5.00 28.80
N ILE A 175 30.74 -5.26 28.18
CA ILE A 175 30.39 -4.68 26.88
C ILE A 175 29.07 -3.94 27.04
N HIS A 176 29.09 -2.64 26.80
CA HIS A 176 27.89 -1.82 26.73
C HIS A 176 27.50 -1.62 25.28
N VAL A 177 26.24 -1.30 25.05
CA VAL A 177 25.74 -0.95 23.72
C VAL A 177 24.88 0.29 23.89
N ASP A 178 25.16 1.33 23.09
CA ASP A 178 24.33 2.52 23.11
C ASP A 178 22.96 2.21 22.52
N SER A 179 21.95 2.93 23.00
CA SER A 179 20.56 2.62 22.67
C SER A 179 20.16 3.10 21.29
N ASP A 180 21.07 3.71 20.53
CA ASP A 180 20.77 4.04 19.14
C ASP A 180 20.71 2.79 18.28
N ILE A 181 21.47 1.77 18.65
CA ILE A 181 21.64 0.56 17.85
C ILE A 181 20.57 -0.45 18.25
N MET A 182 19.92 -1.06 17.26
CA MET A 182 18.93 -2.09 17.53
C MET A 182 19.30 -3.46 17.00
N SER A 183 20.08 -3.52 15.93
CA SER A 183 20.60 -4.78 15.41
C SER A 183 22.02 -4.54 14.91
N LEU A 184 22.97 -5.31 15.43
CA LEU A 184 24.38 -5.12 15.12
C LEU A 184 24.87 -6.00 13.98
N ASP A 185 24.01 -6.32 13.02
CA ASP A 185 24.36 -7.22 11.92
C ASP A 185 24.80 -6.44 10.68
N GLY A 186 25.85 -5.63 10.87
CA GLY A 186 26.55 -5.02 9.75
C GLY A 186 25.81 -3.95 8.97
N ARG A 187 24.52 -3.72 9.23
CA ARG A 187 23.74 -2.77 8.46
C ARG A 187 24.12 -1.33 8.80
N GLN A 188 24.46 -1.07 10.04
CA GLN A 188 24.94 0.20 10.53
C GLN A 188 26.46 0.15 10.66
N PRO A 189 27.16 1.30 10.68
CA PRO A 189 28.64 1.26 10.64
C PRO A 189 29.32 0.63 11.86
N LEU A 190 28.79 0.83 13.07
CA LEU A 190 29.13 0.06 14.27
C LEU A 190 30.61 0.20 14.67
N GLU A 191 30.99 1.42 15.00
CA GLU A 191 32.33 1.67 15.54
C GLU A 191 32.41 1.14 16.97
N THR A 192 33.49 0.43 17.28
CA THR A 192 33.73 -0.07 18.63
C THR A 192 34.93 0.62 19.25
N GLU A 193 35.05 0.52 20.57
CA GLU A 193 35.98 1.35 21.32
C GLU A 193 36.27 0.69 22.66
N ALA A 194 37.51 0.81 23.13
CA ALA A 194 37.93 0.13 24.35
C ALA A 194 38.58 1.08 25.35
N GLU A 195 38.40 0.76 26.63
CA GLU A 195 38.97 1.51 27.76
C GLU A 195 40.07 0.66 28.37
N ILE A 196 41.33 0.97 28.08
CA ILE A 196 42.42 0.20 28.66
C ILE A 196 42.65 0.67 30.10
N LYS A 197 42.44 -0.25 31.04
CA LYS A 197 42.61 -0.01 32.46
C LYS A 197 44.04 -0.33 32.90
N GLU A 198 44.25 -0.41 34.22
CA GLU A 198 45.61 -0.41 34.78
C GLU A 198 46.24 -1.79 34.84
N ASP A 199 45.48 -2.87 34.63
CA ASP A 199 46.04 -4.21 34.77
C ASP A 199 45.63 -5.13 33.62
N GLY A 200 45.61 -4.63 32.40
CA GLY A 200 45.24 -5.44 31.27
C GLY A 200 43.76 -5.70 31.14
N LYS A 201 42.92 -4.90 31.76
CA LYS A 201 41.49 -5.04 31.57
C LYS A 201 41.02 -4.15 30.42
N LEU A 202 39.74 -4.25 30.09
CA LEU A 202 39.26 -3.70 28.84
C LEU A 202 37.75 -3.51 28.92
N HIS A 203 37.26 -2.30 28.66
CA HIS A 203 35.83 -2.01 28.60
C HIS A 203 35.44 -1.70 27.17
N VAL A 204 34.72 -2.60 26.53
CA VAL A 204 34.31 -2.42 25.14
C VAL A 204 32.99 -1.67 25.12
N THR A 205 32.87 -0.67 24.25
CA THR A 205 31.64 0.08 24.07
C THR A 205 31.31 0.17 22.59
N VAL A 206 30.13 -0.31 22.21
CA VAL A 206 29.70 -0.31 20.82
C VAL A 206 28.94 0.97 20.54
N ARG A 207 29.37 1.71 19.50
CA ARG A 207 28.78 3.01 19.19
C ARG A 207 28.23 3.09 17.78
N ARG A 208 27.77 4.28 17.40
CA ARG A 208 27.35 4.59 16.04
C ARG A 208 28.39 5.47 15.39
N SER A 209 28.89 5.07 14.22
CA SER A 209 29.92 5.83 13.54
C SER A 209 29.30 6.85 12.59
N ASN A 210 30.05 7.93 12.34
CA ASN A 210 29.59 9.02 11.49
C ASN A 210 30.73 9.41 10.56
N ALA A 211 30.67 8.92 9.32
CA ALA A 211 31.64 9.16 8.24
C ALA A 211 33.07 8.80 8.64
N MET A 455 38.40 -15.75 22.87
CA MET A 455 36.98 -15.56 23.17
C MET A 455 36.79 -14.82 24.49
N PRO A 456 35.70 -14.06 24.60
CA PRO A 456 35.37 -13.43 25.87
C PRO A 456 34.88 -14.46 26.86
N PRO A 457 34.86 -14.15 28.15
CA PRO A 457 34.25 -15.06 29.13
C PRO A 457 32.75 -15.13 28.93
N THR A 458 32.16 -16.24 29.39
CA THR A 458 30.73 -16.44 29.22
C THR A 458 29.90 -15.77 30.30
N SER A 459 30.54 -15.09 31.26
CA SER A 459 29.80 -14.17 32.11
C SER A 459 29.60 -12.83 31.44
N VAL A 460 30.23 -12.60 30.30
CA VAL A 460 30.11 -11.36 29.55
C VAL A 460 29.32 -11.54 28.27
N MET A 461 29.47 -12.67 27.58
CA MET A 461 28.74 -12.89 26.34
C MET A 461 27.26 -13.13 26.60
N THR A 462 26.91 -13.74 27.72
CA THR A 462 25.50 -13.90 28.05
C THR A 462 24.85 -12.61 28.51
N ARG A 463 25.63 -11.57 28.78
CA ARG A 463 25.07 -10.28 29.15
C ARG A 463 24.83 -9.41 27.93
N LEU A 464 25.69 -9.53 26.93
CA LEU A 464 25.51 -8.77 25.69
C LEU A 464 24.32 -9.27 24.89
N ILE A 465 24.01 -10.56 24.98
CA ILE A 465 22.93 -11.12 24.17
C ILE A 465 21.58 -10.75 24.76
N LEU A 466 21.43 -10.79 26.09
CA LEU A 466 20.16 -10.48 26.72
C LEU A 466 19.76 -9.02 26.55
N ILE A 467 20.73 -8.13 26.41
CA ILE A 467 20.41 -6.74 26.11
C ILE A 467 19.88 -6.61 24.69
N MET A 468 20.55 -7.24 23.74
CA MET A 468 20.14 -7.15 22.34
C MET A 468 18.91 -7.98 22.02
N VAL A 469 18.53 -8.93 22.86
CA VAL A 469 17.30 -9.67 22.64
C VAL A 469 16.10 -8.89 23.17
N TRP A 470 16.24 -8.27 24.34
CA TRP A 470 15.18 -7.46 24.92
C TRP A 470 14.82 -6.26 24.04
N ARG A 471 15.78 -5.71 23.31
CA ARG A 471 15.49 -4.63 22.38
C ARG A 471 14.81 -5.10 21.11
N LYS A 472 14.93 -6.37 20.76
CA LYS A 472 14.24 -6.91 19.61
C LYS A 472 12.93 -7.57 19.98
N LEU A 473 12.62 -7.68 21.26
CA LEU A 473 11.46 -8.43 21.71
C LEU A 473 10.31 -7.51 22.09
N ILE A 474 10.59 -6.24 22.35
CA ILE A 474 9.55 -5.25 22.65
C ILE A 474 9.16 -4.43 21.43
N ARG A 475 9.86 -4.58 20.31
CA ARG A 475 9.50 -3.97 19.04
C ARG A 475 8.88 -4.98 18.08
N ASN A 476 8.11 -5.92 18.62
CA ASN A 476 7.61 -7.05 17.86
C ASN A 476 6.12 -7.16 18.13
N PRO A 477 5.27 -7.21 17.10
CA PRO A 477 3.84 -7.29 17.36
C PRO A 477 3.37 -8.65 17.87
N ASN A 478 4.07 -9.73 17.53
CA ASN A 478 3.66 -11.06 17.99
C ASN A 478 4.03 -11.36 19.42
N SER A 479 4.64 -10.43 20.15
CA SER A 479 4.90 -10.62 21.57
C SER A 479 3.95 -9.86 22.44
N TYR A 480 3.01 -9.11 21.86
CA TYR A 480 1.90 -8.52 22.58
C TYR A 480 0.60 -9.25 22.29
N SER A 481 0.53 -9.95 21.17
CA SER A 481 -0.56 -10.86 20.90
C SER A 481 -0.48 -12.13 21.74
N SER A 482 0.71 -12.53 22.17
CA SER A 482 0.87 -13.70 23.01
C SER A 482 0.99 -13.37 24.49
N LEU A 483 1.42 -12.16 24.83
CA LEU A 483 1.39 -11.74 26.23
C LEU A 483 -0.03 -11.49 26.69
N PHE A 484 -0.82 -10.78 25.91
CA PHE A 484 -2.20 -10.48 26.30
C PHE A 484 -3.18 -11.54 25.86
N GLY A 485 -2.77 -12.46 25.00
CA GLY A 485 -3.63 -13.56 24.66
C GLY A 485 -3.69 -14.57 25.78
N ILE A 486 -2.52 -14.96 26.29
CA ILE A 486 -2.46 -15.99 27.33
C ILE A 486 -2.94 -15.44 28.66
N THR A 487 -2.67 -14.17 28.96
CA THR A 487 -3.05 -13.58 30.23
C THR A 487 -4.57 -13.46 30.36
N TRP A 488 -5.27 -13.23 29.26
CA TRP A 488 -6.72 -13.20 29.33
C TRP A 488 -7.32 -14.59 29.41
N SER A 489 -6.73 -15.59 28.77
CA SER A 489 -7.32 -16.93 28.79
C SER A 489 -7.06 -17.64 30.11
N LEU A 490 -6.09 -17.20 30.90
CA LEU A 490 -5.91 -17.72 32.25
C LEU A 490 -6.94 -17.16 33.21
N ILE A 491 -7.55 -16.01 32.88
CA ILE A 491 -8.53 -15.37 33.76
C ILE A 491 -9.95 -15.68 33.31
N SER A 492 -10.19 -15.75 32.00
CA SER A 492 -11.54 -15.94 31.48
C SER A 492 -12.06 -17.34 31.73
N PHE A 493 -11.19 -18.33 31.87
CA PHE A 493 -11.60 -19.71 32.00
C PHE A 493 -11.52 -20.24 33.42
N LYS A 494 -11.34 -19.36 34.41
CA LYS A 494 -11.39 -19.79 35.79
C LYS A 494 -12.53 -19.15 36.55
N TRP A 495 -12.72 -17.84 36.43
CA TRP A 495 -13.84 -17.17 37.07
C TRP A 495 -15.01 -16.96 36.13
N ASN A 496 -14.97 -17.60 34.95
CA ASN A 496 -16.05 -17.57 33.95
C ASN A 496 -16.37 -16.17 33.45
N ILE A 497 -15.38 -15.27 33.46
CA ILE A 497 -15.59 -13.94 32.92
C ILE A 497 -15.71 -14.02 31.40
N GLU A 498 -16.74 -13.42 30.85
CA GLU A 498 -16.92 -13.32 29.41
C GLU A 498 -16.65 -11.89 29.00
N MET A 499 -15.87 -11.71 27.94
CA MET A 499 -15.43 -10.39 27.53
C MET A 499 -16.60 -9.61 26.92
N PRO A 500 -16.79 -8.34 27.29
CA PRO A 500 -17.97 -7.60 26.88
C PRO A 500 -18.00 -7.31 25.39
N ALA A 501 -19.20 -7.03 24.88
CA ALA A 501 -19.41 -6.99 23.44
C ALA A 501 -18.94 -5.69 22.80
N LEU A 502 -18.66 -4.65 23.58
CA LEU A 502 -17.96 -3.49 23.02
C LEU A 502 -16.54 -3.86 22.65
N ILE A 503 -15.84 -4.57 23.54
CA ILE A 503 -14.43 -4.86 23.34
C ILE A 503 -14.26 -6.05 22.42
N ALA A 504 -15.17 -7.02 22.51
CA ALA A 504 -15.07 -8.22 21.69
C ALA A 504 -15.37 -7.94 20.22
N LYS A 505 -16.17 -6.91 19.92
CA LYS A 505 -16.41 -6.52 18.53
C LYS A 505 -15.42 -5.51 18.03
N SER A 506 -14.72 -4.80 18.92
CA SER A 506 -13.69 -3.87 18.49
C SER A 506 -12.46 -4.60 17.98
N ILE A 507 -12.20 -5.80 18.51
CA ILE A 507 -11.10 -6.62 18.04
C ILE A 507 -11.50 -7.41 16.81
N SER A 508 -12.74 -7.90 16.79
CA SER A 508 -13.23 -8.78 15.73
C SER A 508 -13.54 -8.06 14.44
N ILE A 509 -13.41 -6.74 14.38
CA ILE A 509 -13.63 -6.05 13.12
C ILE A 509 -12.37 -6.06 12.26
N LEU A 510 -11.19 -6.08 12.88
CA LEU A 510 -9.95 -6.18 12.12
C LEU A 510 -9.48 -7.62 11.95
N SER A 511 -9.79 -8.50 12.90
CA SER A 511 -9.33 -9.88 12.83
C SER A 511 -10.15 -10.73 11.87
N ASP A 512 -11.29 -10.24 11.39
CA ASP A 512 -11.97 -10.91 10.30
C ASP A 512 -11.23 -10.71 8.98
N ALA A 513 -10.42 -9.67 8.89
CA ALA A 513 -9.51 -9.48 7.77
C ALA A 513 -8.20 -10.21 7.94
N GLY A 514 -8.10 -11.14 8.88
CA GLY A 514 -6.85 -11.81 9.13
C GLY A 514 -6.54 -12.86 8.10
N LEU A 515 -7.42 -13.85 7.96
CA LEU A 515 -7.13 -14.99 7.12
C LEU A 515 -7.33 -14.70 5.64
N GLY A 516 -8.03 -13.63 5.30
CA GLY A 516 -8.20 -13.27 3.91
C GLY A 516 -7.02 -12.49 3.40
N MET A 517 -6.57 -11.51 4.17
CA MET A 517 -5.47 -10.66 3.77
C MET A 517 -4.12 -11.33 3.91
N ALA A 518 -4.00 -12.34 4.75
CA ALA A 518 -2.72 -13.03 4.88
C ALA A 518 -2.40 -13.84 3.65
N MET A 519 -3.39 -14.52 3.08
CA MET A 519 -3.19 -15.21 1.82
C MET A 519 -3.14 -14.26 0.63
N PHE A 520 -3.66 -13.06 0.78
CA PHE A 520 -3.52 -12.05 -0.27
C PHE A 520 -2.11 -11.49 -0.26
N SER A 521 -1.56 -11.24 0.94
CA SER A 521 -0.19 -10.77 1.08
C SER A 521 0.84 -11.84 0.77
N LEU A 522 0.44 -13.09 0.68
CA LEU A 522 1.36 -14.17 0.38
C LEU A 522 1.45 -14.43 -1.12
N GLY A 523 0.50 -13.92 -1.88
CA GLY A 523 0.55 -14.05 -3.32
C GLY A 523 1.14 -12.81 -3.97
N LEU A 524 1.14 -11.69 -3.25
CA LEU A 524 1.89 -10.54 -3.71
C LEU A 524 3.37 -10.80 -3.65
N PHE A 525 3.82 -11.55 -2.64
CA PHE A 525 5.24 -11.82 -2.47
C PHE A 525 5.76 -12.81 -3.50
N MET A 526 4.96 -13.76 -3.95
CA MET A 526 5.44 -14.61 -5.03
C MET A 526 5.29 -13.97 -6.41
N ALA A 527 4.82 -12.73 -6.48
CA ALA A 527 4.85 -11.97 -7.72
C ALA A 527 6.03 -11.02 -7.79
N LEU A 528 6.63 -10.70 -6.65
CA LEU A 528 7.73 -9.75 -6.60
C LEU A 528 9.09 -10.40 -6.71
N ASN A 529 9.20 -11.68 -6.39
CA ASN A 529 10.44 -12.38 -6.63
C ASN A 529 10.64 -12.62 -8.14
N PRO A 530 11.88 -12.72 -8.61
CA PRO A 530 12.12 -12.99 -10.03
C PRO A 530 11.62 -14.34 -10.48
N ARG A 531 12.04 -15.40 -9.80
CA ARG A 531 11.60 -16.75 -10.10
C ARG A 531 11.12 -17.41 -8.82
N ILE A 532 10.28 -18.43 -8.98
CA ILE A 532 9.80 -19.18 -7.82
C ILE A 532 10.93 -19.98 -7.20
N ILE A 533 11.59 -20.81 -7.99
CA ILE A 533 12.76 -21.56 -7.55
C ILE A 533 13.96 -20.62 -7.67
N ALA A 534 14.33 -19.98 -6.57
CA ALA A 534 15.33 -18.92 -6.58
C ALA A 534 16.70 -19.38 -6.12
N CYS A 535 16.92 -20.68 -5.96
CA CYS A 535 18.15 -21.18 -5.38
C CYS A 535 18.73 -22.38 -6.11
N GLY A 536 18.38 -22.59 -7.37
CA GLY A 536 18.86 -23.75 -8.10
C GLY A 536 17.96 -24.95 -7.90
N ASN A 537 18.22 -25.99 -8.72
CA ASN A 537 17.41 -27.19 -8.60
C ASN A 537 17.93 -28.18 -7.58
N ARG A 538 19.21 -28.09 -7.20
CA ARG A 538 19.69 -28.96 -6.14
C ARG A 538 19.24 -28.49 -4.77
N ARG A 539 19.35 -27.18 -4.51
CA ARG A 539 18.97 -26.63 -3.22
C ARG A 539 17.48 -26.44 -3.05
N ALA A 540 16.67 -26.73 -4.08
CA ALA A 540 15.23 -26.70 -3.92
C ALA A 540 14.66 -28.07 -3.63
N ALA A 541 15.28 -29.13 -4.14
CA ALA A 541 14.89 -30.47 -3.73
C ALA A 541 15.32 -30.75 -2.30
N PHE A 542 16.39 -30.12 -1.86
CA PHE A 542 16.85 -30.21 -0.48
C PHE A 542 15.93 -29.48 0.47
N ALA A 543 15.17 -28.50 -0.02
CA ALA A 543 14.24 -27.76 0.83
C ALA A 543 12.88 -28.43 0.91
N ALA A 544 12.56 -29.32 -0.03
CA ALA A 544 11.31 -30.06 0.00
C ALA A 544 11.53 -31.54 0.28
N ALA A 545 12.68 -31.89 0.81
CA ALA A 545 12.92 -33.21 1.39
C ALA A 545 13.20 -33.16 2.87
N MET A 546 13.78 -32.07 3.37
CA MET A 546 13.77 -31.83 4.80
C MET A 546 12.38 -31.51 5.31
N ARG A 547 11.54 -30.94 4.47
CA ARG A 547 10.27 -30.40 4.93
C ARG A 547 9.14 -31.40 4.91
N PHE A 548 9.07 -32.27 3.89
CA PHE A 548 7.97 -33.21 3.76
C PHE A 548 8.36 -34.65 4.03
N VAL A 549 9.63 -34.93 4.32
CA VAL A 549 10.05 -36.30 4.59
C VAL A 549 10.71 -36.39 5.96
N VAL A 550 11.73 -35.56 6.23
CA VAL A 550 12.43 -35.63 7.51
C VAL A 550 11.58 -35.02 8.62
N GLY A 551 10.64 -34.16 8.29
CA GLY A 551 9.64 -33.70 9.23
C GLY A 551 8.74 -34.81 9.73
N PRO A 552 7.91 -35.39 8.85
CA PRO A 552 7.00 -36.45 9.30
C PRO A 552 7.62 -37.83 9.41
N ALA A 553 8.93 -37.98 9.44
CA ALA A 553 9.53 -39.25 9.82
C ALA A 553 10.26 -39.16 11.14
N VAL A 554 10.25 -38.01 11.79
CA VAL A 554 10.77 -37.86 13.13
C VAL A 554 9.67 -37.49 14.14
N MET A 555 8.46 -37.20 13.67
CA MET A 555 7.27 -37.28 14.52
C MET A 555 6.53 -38.59 14.40
N LEU A 556 7.06 -39.57 13.68
CA LEU A 556 6.50 -40.90 13.77
C LEU A 556 7.20 -41.71 14.84
N VAL A 557 8.45 -41.36 15.17
CA VAL A 557 9.17 -42.03 16.24
C VAL A 557 9.15 -41.21 17.53
N ALA A 558 8.75 -39.96 17.48
CA ALA A 558 8.54 -39.17 18.68
C ALA A 558 7.09 -39.11 19.10
N SER A 559 6.18 -39.73 18.33
CA SER A 559 4.80 -39.92 18.75
C SER A 559 4.47 -41.36 19.08
N TYR A 560 5.28 -42.30 18.64
CA TYR A 560 5.12 -43.68 19.07
C TYR A 560 5.88 -43.96 20.36
N ALA A 561 6.92 -43.20 20.65
CA ALA A 561 7.67 -43.35 21.88
C ALA A 561 7.07 -42.57 23.04
N VAL A 562 5.88 -42.02 22.89
CA VAL A 562 5.19 -41.32 23.97
C VAL A 562 3.93 -42.06 24.39
N GLY A 563 3.15 -42.55 23.43
CA GLY A 563 1.95 -43.30 23.75
C GLY A 563 0.74 -42.91 22.93
N LEU A 564 0.94 -42.11 21.89
CA LEU A 564 -0.17 -41.70 21.05
C LEU A 564 -0.57 -42.83 20.11
N ARG A 565 -1.88 -43.00 19.92
CA ARG A 565 -2.40 -44.00 18.99
C ARG A 565 -3.62 -43.43 18.27
N GLY A 566 -4.05 -44.15 17.24
CA GLY A 566 -5.33 -43.91 16.63
C GLY A 566 -5.46 -42.63 15.82
N VAL A 567 -6.21 -41.67 16.34
CA VAL A 567 -6.44 -40.42 15.64
C VAL A 567 -5.41 -39.36 16.05
N LEU A 568 -4.99 -39.38 17.33
CA LEU A 568 -3.97 -38.45 17.78
C LEU A 568 -2.60 -38.73 17.18
N LEU A 569 -2.36 -39.96 16.70
CA LEU A 569 -1.17 -40.20 15.90
C LEU A 569 -1.35 -39.67 14.49
N HIS A 570 -2.56 -39.73 13.95
CA HIS A 570 -2.80 -39.28 12.59
C HIS A 570 -2.83 -37.77 12.46
N VAL A 571 -3.23 -37.04 13.49
CA VAL A 571 -3.20 -35.59 13.41
C VAL A 571 -1.78 -35.08 13.53
N ALA A 572 -0.96 -35.77 14.33
CA ALA A 572 0.41 -35.34 14.57
C ALA A 572 1.31 -35.49 13.36
N ILE A 573 1.14 -36.56 12.57
CA ILE A 573 1.95 -36.76 11.37
C ILE A 573 1.57 -35.79 10.27
N ILE A 574 0.29 -35.46 10.12
CA ILE A 574 -0.17 -34.62 9.03
C ILE A 574 0.24 -33.17 9.24
N GLN A 575 0.21 -32.69 10.49
CA GLN A 575 0.62 -31.31 10.76
C GLN A 575 2.12 -31.12 10.65
N ALA A 576 2.90 -32.20 10.62
CA ALA A 576 4.32 -32.09 10.38
C ALA A 576 4.64 -31.91 8.90
N ALA A 577 3.70 -32.23 8.02
CA ALA A 577 3.89 -32.12 6.58
C ALA A 577 3.30 -30.84 6.01
N LEU A 578 2.98 -29.88 6.86
CA LEU A 578 2.54 -28.58 6.40
C LEU A 578 3.72 -27.83 5.79
N PRO A 579 3.47 -26.88 4.89
CA PRO A 579 4.58 -26.09 4.33
C PRO A 579 5.15 -25.13 5.37
N GLN A 580 6.27 -24.51 5.03
CA GLN A 580 7.02 -23.78 6.03
C GLN A 580 6.39 -22.43 6.33
N GLY A 581 6.41 -22.05 7.61
CA GLY A 581 5.93 -20.75 8.04
C GLY A 581 6.76 -19.59 7.53
N ILE A 582 6.30 -18.40 7.86
CA ILE A 582 6.78 -17.17 7.25
C ILE A 582 7.77 -16.44 8.15
N VAL A 583 7.58 -16.53 9.45
CA VAL A 583 8.49 -15.91 10.42
C VAL A 583 9.90 -16.49 10.37
N PRO A 584 10.15 -17.79 10.07
CA PRO A 584 11.54 -18.18 9.74
C PRO A 584 12.10 -17.56 8.46
N PHE A 585 11.28 -17.02 7.57
CA PHE A 585 11.80 -16.28 6.44
C PHE A 585 12.04 -14.81 6.76
N VAL A 586 11.19 -14.21 7.62
CA VAL A 586 11.39 -12.83 8.04
C VAL A 586 12.72 -12.65 8.77
N PHE A 587 13.09 -13.63 9.60
CA PHE A 587 14.39 -13.57 10.27
C PHE A 587 15.53 -13.75 9.28
N ALA A 588 15.44 -14.72 8.38
CA ALA A 588 16.57 -15.03 7.52
C ALA A 588 16.74 -14.03 6.38
N LYS A 589 15.78 -13.15 6.14
CA LYS A 589 15.99 -12.08 5.18
C LYS A 589 16.75 -10.93 5.82
N GLU A 590 16.52 -10.68 7.11
CA GLU A 590 17.19 -9.59 7.79
C GLU A 590 18.64 -9.91 8.08
N TYR A 591 18.91 -11.08 8.64
CA TYR A 591 20.25 -11.44 9.06
C TYR A 591 21.09 -12.05 7.94
N ASN A 592 20.51 -12.23 6.75
CA ASN A 592 21.16 -12.81 5.56
C ASN A 592 21.71 -14.21 5.82
N VAL A 593 20.98 -15.02 6.58
CA VAL A 593 21.38 -16.41 6.74
C VAL A 593 20.51 -17.22 5.79
N HIS A 594 21.02 -17.41 4.56
CA HIS A 594 20.41 -18.09 3.43
C HIS A 594 19.01 -17.59 3.13
N PRO A 595 18.84 -16.40 2.57
CA PRO A 595 17.49 -15.89 2.33
C PRO A 595 16.85 -16.43 1.08
N ASP A 596 17.57 -17.20 0.27
CA ASP A 596 17.01 -17.75 -0.96
C ASP A 596 16.52 -19.18 -0.78
N ILE A 597 17.09 -19.92 0.17
CA ILE A 597 16.59 -21.26 0.44
C ILE A 597 15.31 -21.19 1.24
N LEU A 598 15.15 -20.17 2.07
CA LEU A 598 13.93 -20.01 2.83
C LEU A 598 12.89 -19.14 2.15
N SER A 599 13.11 -18.72 0.91
CA SER A 599 12.06 -18.09 0.14
C SER A 599 11.52 -19.01 -0.96
N THR A 600 12.29 -20.00 -1.36
CA THR A 600 11.73 -21.09 -2.15
C THR A 600 10.73 -21.87 -1.32
N ALA A 601 11.14 -22.31 -0.13
CA ALA A 601 10.36 -23.23 0.69
C ALA A 601 9.08 -22.62 1.23
N VAL A 602 8.95 -21.30 1.28
CA VAL A 602 7.66 -20.70 1.61
C VAL A 602 6.76 -20.68 0.39
N ILE A 603 7.30 -20.32 -0.77
CA ILE A 603 6.49 -20.20 -1.99
C ILE A 603 6.26 -21.55 -2.63
N PHE A 604 7.33 -22.28 -2.93
CA PHE A 604 7.22 -23.61 -3.50
C PHE A 604 6.78 -24.64 -2.47
N GLY A 605 6.71 -24.27 -1.19
CA GLY A 605 6.01 -25.11 -0.24
C GLY A 605 4.51 -25.10 -0.45
N MET A 606 3.93 -23.90 -0.58
CA MET A 606 2.46 -23.76 -0.65
C MET A 606 1.88 -24.40 -1.89
N LEU A 607 2.60 -24.39 -3.01
CA LEU A 607 2.02 -24.84 -4.27
C LEU A 607 1.91 -26.36 -4.33
N ILE A 608 2.78 -27.08 -3.64
CA ILE A 608 2.72 -28.53 -3.63
C ILE A 608 2.33 -29.08 -2.27
N ALA A 609 1.81 -28.25 -1.37
CA ALA A 609 1.46 -28.75 -0.04
C ALA A 609 0.14 -29.50 -0.05
N LEU A 610 -0.76 -29.14 -0.95
CA LEU A 610 -2.07 -29.75 -0.96
C LEU A 610 -2.09 -31.16 -1.58
N PRO A 611 -1.34 -31.49 -2.64
CA PRO A 611 -1.27 -32.90 -3.02
C PRO A 611 -0.32 -33.75 -2.18
N ILE A 612 0.41 -33.17 -1.24
CA ILE A 612 1.20 -33.99 -0.31
C ILE A 612 0.39 -34.37 0.92
N THR A 613 -0.26 -33.41 1.56
CA THR A 613 -1.06 -33.71 2.75
C THR A 613 -2.31 -34.53 2.42
N LEU A 614 -2.83 -34.43 1.20
CA LEU A 614 -3.86 -35.37 0.77
C LEU A 614 -3.30 -36.70 0.33
N LEU A 615 -1.99 -36.90 0.39
CA LEU A 615 -1.42 -38.20 0.10
C LEU A 615 -1.11 -38.97 1.37
N TYR A 616 -0.84 -38.28 2.48
CA TYR A 616 -0.81 -38.97 3.75
C TYR A 616 -2.20 -39.28 4.27
N TYR A 617 -3.17 -38.41 4.01
CA TYR A 617 -4.55 -38.59 4.45
C TYR A 617 -5.22 -39.78 3.79
N ILE A 618 -4.78 -40.17 2.61
CA ILE A 618 -5.26 -41.41 2.01
C ILE A 618 -4.49 -42.61 2.53
N LEU A 619 -3.17 -42.48 2.70
CA LEU A 619 -2.36 -43.63 3.08
C LEU A 619 -2.50 -43.98 4.56
N LEU A 620 -2.73 -43.00 5.43
CA LEU A 620 -2.95 -43.31 6.83
C LEU A 620 -4.31 -43.97 7.05
N GLY A 621 -5.34 -43.50 6.33
CA GLY A 621 -6.69 -44.01 6.52
C GLY A 621 -6.91 -45.42 6.01
N LEU A 622 -6.02 -45.93 5.16
CA LEU A 622 -6.10 -47.31 4.73
C LEU A 622 -5.76 -48.24 5.89
N SER B 4 48.12 -10.15 26.01
CA SER B 4 49.41 -9.58 25.60
C SER B 4 49.83 -8.43 26.51
N GLN B 5 48.95 -8.11 27.46
CA GLN B 5 49.13 -7.04 28.45
C GLN B 5 49.36 -5.69 27.78
N VAL B 6 48.34 -5.25 27.06
CA VAL B 6 48.37 -3.98 26.34
C VAL B 6 48.29 -2.83 27.35
N GLN B 7 48.96 -1.72 27.04
CA GLN B 7 49.02 -0.58 27.94
C GLN B 7 49.34 0.68 27.15
N LEU B 8 48.60 1.75 27.44
CA LEU B 8 48.87 3.08 26.91
C LEU B 8 49.52 3.95 27.97
N VAL B 9 50.38 4.87 27.51
CA VAL B 9 51.06 5.83 28.37
C VAL B 9 50.82 7.22 27.77
N GLU B 10 50.17 8.09 28.54
CA GLU B 10 49.89 9.45 28.11
C GLU B 10 50.55 10.43 29.07
N SER B 11 51.09 11.51 28.52
CA SER B 11 51.73 12.54 29.32
C SER B 11 51.64 13.87 28.60
N GLY B 12 52.24 14.90 29.20
CA GLY B 12 52.24 16.23 28.63
C GLY B 12 51.24 17.18 29.26
N GLY B 13 50.45 16.72 30.24
CA GLY B 13 49.43 17.58 30.82
C GLY B 13 50.02 18.56 31.83
N GLY B 14 49.47 19.77 31.83
CA GLY B 14 49.92 20.80 32.74
C GLY B 14 49.09 22.04 32.58
N LEU B 15 49.19 22.92 33.59
CA LEU B 15 48.48 24.19 33.58
C LEU B 15 49.34 25.24 32.89
N VAL B 16 48.71 26.02 32.00
CA VAL B 16 49.43 27.01 31.20
C VAL B 16 48.48 28.18 30.98
N GLN B 17 49.05 29.33 30.61
CA GLN B 17 48.30 30.54 30.31
C GLN B 17 47.86 30.53 28.85
N ALA B 18 47.18 31.59 28.44
CA ALA B 18 46.76 31.77 27.05
C ALA B 18 47.96 32.27 26.25
N GLY B 19 48.53 31.40 25.43
CA GLY B 19 49.66 31.77 24.61
C GLY B 19 50.91 30.97 24.90
N GLY B 20 50.75 29.83 25.57
CA GLY B 20 51.85 28.97 25.91
C GLY B 20 52.21 28.01 24.80
N SER B 21 52.86 26.91 25.17
CA SER B 21 53.24 25.87 24.22
C SER B 21 53.37 24.57 25.01
N LEU B 22 52.51 23.60 24.70
CA LEU B 22 52.56 22.28 25.32
C LEU B 22 52.91 21.22 24.29
N ARG B 23 53.36 20.08 24.80
CA ARG B 23 53.79 18.95 23.95
C ARG B 23 53.24 17.68 24.56
N LEU B 24 52.10 17.22 24.05
CA LEU B 24 51.44 16.04 24.56
C LEU B 24 52.15 14.78 24.09
N SER B 25 51.81 13.65 24.70
CA SER B 25 52.47 12.39 24.41
C SER B 25 51.48 11.25 24.45
N CYS B 26 51.73 10.24 23.62
CA CYS B 26 50.92 9.02 23.59
C CYS B 26 51.85 7.88 23.19
N ALA B 27 52.40 7.19 24.21
CA ALA B 27 53.39 6.15 23.99
C ALA B 27 52.68 4.79 23.96
N ALA B 28 52.59 4.19 22.77
CA ALA B 28 51.96 2.89 22.59
C ALA B 28 52.98 1.78 22.79
N SER B 29 52.54 0.69 23.39
CA SER B 29 53.38 -0.47 23.64
C SER B 29 52.51 -1.70 23.86
N GLY B 30 53.05 -2.86 23.53
CA GLY B 30 52.34 -4.11 23.73
C GLY B 30 51.20 -4.31 22.75
N PHE B 31 51.51 -4.34 21.47
CA PHE B 31 50.52 -4.42 20.42
C PHE B 31 50.89 -5.45 19.36
N PRO B 32 49.90 -5.92 18.58
CA PRO B 32 50.18 -6.48 17.25
C PRO B 32 50.49 -5.39 16.23
N VAL B 33 50.51 -5.78 14.94
CA VAL B 33 50.93 -4.87 13.87
C VAL B 33 49.95 -3.72 13.74
N ASN B 34 50.43 -2.52 14.03
CA ASN B 34 49.61 -1.32 14.18
C ASN B 34 49.52 -0.57 12.85
N ILE B 35 48.40 0.14 12.67
CA ILE B 35 48.22 1.04 11.54
C ILE B 35 48.20 2.46 12.07
N SER B 36 48.82 3.37 11.32
CA SER B 36 48.84 4.77 11.73
C SER B 36 47.46 5.39 11.50
N TRP B 37 46.62 5.36 12.53
CA TRP B 37 45.32 6.03 12.53
C TRP B 37 45.07 6.66 13.89
N MET B 38 46.12 7.09 14.56
CA MET B 38 45.99 7.65 15.90
C MET B 38 45.36 9.04 15.84
N GLU B 39 44.62 9.40 16.89
CA GLU B 39 43.87 10.64 16.92
C GLU B 39 44.11 11.37 18.24
N TRP B 40 43.39 12.49 18.37
CA TRP B 40 43.33 13.29 19.59
C TRP B 40 42.00 14.04 19.54
N TYR B 41 41.30 14.13 20.67
CA TYR B 41 40.11 14.96 20.72
C TYR B 41 39.84 15.41 22.16
N ARG B 42 38.76 16.17 22.31
CA ARG B 42 38.37 16.83 23.55
C ARG B 42 37.09 16.22 24.10
N GLN B 43 36.91 16.38 25.42
CA GLN B 43 35.68 15.95 26.07
C GLN B 43 35.42 16.91 27.22
N VAL B 44 34.52 17.87 27.00
CA VAL B 44 34.12 18.85 28.00
C VAL B 44 33.21 18.16 29.01
N PRO B 45 32.97 18.74 30.19
CA PRO B 45 31.93 18.19 31.08
C PRO B 45 30.52 18.23 30.49
N GLY B 46 30.28 19.03 29.45
CA GLY B 46 29.08 18.92 28.66
C GLY B 46 29.14 17.74 27.70
N LYS B 47 28.30 17.80 26.67
CA LYS B 47 28.19 16.72 25.71
C LYS B 47 28.68 17.17 24.33
N GLU B 48 28.54 16.28 23.34
CA GLU B 48 28.81 16.51 21.92
C GLU B 48 30.26 16.93 21.68
N ARG B 49 31.14 15.96 21.93
CA ARG B 49 32.58 16.12 21.79
C ARG B 49 32.98 16.38 20.33
N GLU B 50 34.20 16.89 20.16
CA GLU B 50 34.69 17.36 18.88
C GLU B 50 36.08 16.81 18.62
N TRP B 51 36.31 16.33 17.40
CA TRP B 51 37.58 15.72 17.02
C TRP B 51 38.53 16.78 16.47
N VAL B 52 39.83 16.51 16.61
CA VAL B 52 40.87 17.52 16.39
C VAL B 52 41.77 17.17 15.19
N ALA B 53 42.50 16.06 15.27
CA ALA B 53 43.61 15.83 14.34
C ALA B 53 43.64 14.38 13.87
N ALA B 54 44.61 14.07 13.02
CA ALA B 54 44.82 12.73 12.49
C ALA B 54 46.24 12.62 11.97
N ILE B 55 46.82 11.42 12.12
CA ILE B 55 48.20 11.14 11.72
C ILE B 55 48.15 9.96 10.75
N GLN B 56 47.13 9.93 9.90
CA GLN B 56 46.76 8.78 9.09
C GLN B 56 47.80 8.36 8.04
N SER B 57 47.44 7.32 7.26
CA SER B 57 48.32 6.34 6.63
C SER B 57 49.63 6.85 6.06
N THR B 58 49.58 7.84 5.17
CA THR B 58 50.76 8.29 4.44
C THR B 58 51.32 9.62 4.93
N GLY B 59 50.67 10.28 5.88
CA GLY B 59 51.09 11.61 6.27
C GLY B 59 50.84 12.66 5.21
N SER B 60 49.91 12.42 4.29
CA SER B 60 49.64 13.36 3.21
C SER B 60 48.56 14.35 3.61
N TYR B 61 47.37 13.86 3.97
CA TYR B 61 46.29 14.70 4.42
C TYR B 61 46.00 14.39 5.89
N THR B 62 45.82 15.43 6.69
CA THR B 62 45.49 15.29 8.09
C THR B 62 44.15 16.00 8.35
N TRP B 63 43.18 15.25 8.87
CA TRP B 63 41.85 15.81 9.09
C TRP B 63 41.85 16.74 10.28
N TYR B 64 42.08 18.02 10.04
CA TYR B 64 41.91 19.01 11.07
C TYR B 64 40.48 19.53 11.09
N ALA B 65 40.14 20.27 12.13
CA ALA B 65 38.86 20.94 12.19
C ALA B 65 39.01 22.33 11.59
N ASP B 66 37.99 23.17 11.75
CA ASP B 66 38.02 24.50 11.12
C ASP B 66 38.93 25.45 11.88
N SER B 67 38.74 25.57 13.20
CA SER B 67 39.46 26.56 13.98
C SER B 67 40.88 26.16 14.31
N VAL B 68 41.26 24.90 14.09
CA VAL B 68 42.56 24.40 14.50
C VAL B 68 43.46 24.13 13.30
N LYS B 69 43.06 24.56 12.11
CA LYS B 69 43.85 24.30 10.90
C LYS B 69 45.06 25.21 10.85
N GLY B 70 46.22 24.64 10.56
CA GLY B 70 47.44 25.41 10.41
C GLY B 70 48.07 25.90 11.69
N ARG B 71 47.65 25.37 12.84
CA ARG B 71 48.17 25.83 14.12
C ARG B 71 48.51 24.71 15.09
N PHE B 72 48.07 23.48 14.84
CA PHE B 72 48.39 22.34 15.69
C PHE B 72 49.23 21.35 14.90
N THR B 73 50.49 21.20 15.31
CA THR B 73 51.43 20.33 14.62
C THR B 73 51.33 18.91 15.17
N ILE B 74 51.06 17.96 14.27
CA ILE B 74 51.02 16.55 14.63
C ILE B 74 52.24 15.89 13.99
N SER B 75 52.77 14.85 14.64
CA SER B 75 54.02 14.25 14.20
C SER B 75 53.99 12.75 14.44
N ARG B 76 54.52 12.01 13.47
CA ARG B 76 54.56 10.55 13.55
C ARG B 76 55.98 10.11 13.89
N ASP B 77 56.09 9.15 14.81
CA ASP B 77 57.37 8.52 15.17
C ASP B 77 57.08 7.03 15.30
N ASN B 78 57.28 6.29 14.20
CA ASN B 78 57.02 4.85 14.20
C ASN B 78 58.13 4.06 14.89
N ALA B 79 59.29 4.67 15.14
CA ALA B 79 60.35 3.97 15.85
C ALA B 79 60.01 3.79 17.32
N LYS B 80 59.68 4.89 18.00
CA LYS B 80 59.29 4.83 19.40
C LYS B 80 57.80 4.53 19.59
N ASN B 81 57.03 4.45 18.50
CA ASN B 81 55.58 4.19 18.51
C ASN B 81 54.84 5.24 19.35
N THR B 82 55.12 6.52 19.06
CA THR B 82 54.58 7.62 19.83
C THR B 82 54.26 8.78 18.90
N VAL B 83 53.01 9.22 18.91
CA VAL B 83 52.58 10.38 18.12
C VAL B 83 52.47 11.57 19.06
N TYR B 84 53.19 12.64 18.74
CA TYR B 84 53.19 13.87 19.51
C TYR B 84 52.27 14.88 18.85
N LEU B 85 51.50 15.59 19.66
CA LEU B 85 50.62 16.67 19.19
C LEU B 85 51.11 17.97 19.79
N GLN B 86 51.75 18.80 18.97
CA GLN B 86 52.28 20.07 19.41
C GLN B 86 51.24 21.16 19.24
N MET B 87 50.86 21.79 20.35
CA MET B 87 49.87 22.86 20.34
C MET B 87 50.57 24.21 20.32
N ASN B 88 50.00 25.15 19.56
CA ASN B 88 50.57 26.47 19.41
C ASN B 88 49.47 27.51 19.51
N SER B 89 49.78 28.62 20.21
CA SER B 89 48.86 29.74 20.50
C SER B 89 47.61 29.22 21.23
N LEU B 90 47.84 28.71 22.43
CA LEU B 90 46.84 27.93 23.14
C LEU B 90 45.72 28.83 23.65
N LYS B 91 44.54 28.68 23.05
CA LYS B 91 43.33 29.40 23.41
C LYS B 91 42.82 28.93 24.78
N PRO B 92 42.17 29.81 25.56
CA PRO B 92 41.75 29.43 26.91
C PRO B 92 40.64 28.39 26.99
N GLU B 93 39.99 28.04 25.87
CA GLU B 93 38.92 27.04 25.90
C GLU B 93 39.45 25.62 25.66
N ASP B 94 40.49 25.27 26.41
CA ASP B 94 41.13 23.97 26.32
C ASP B 94 41.25 23.34 27.70
N THR B 95 40.25 23.56 28.54
CA THR B 95 40.24 23.02 29.89
C THR B 95 39.94 21.53 29.89
N ALA B 96 39.30 21.02 28.82
CA ALA B 96 38.81 19.65 28.77
C ALA B 96 39.94 18.64 28.68
N VAL B 97 39.56 17.36 28.74
CA VAL B 97 40.49 16.25 28.73
C VAL B 97 40.86 15.90 27.29
N TYR B 98 42.15 15.67 27.05
CA TYR B 98 42.69 15.27 25.75
C TYR B 98 43.34 13.90 25.87
N TYR B 99 43.09 13.03 24.90
CA TYR B 99 43.64 11.68 24.93
C TYR B 99 43.66 11.08 23.53
N CYS B 100 44.50 10.07 23.35
CA CYS B 100 44.79 9.48 22.06
C CYS B 100 43.97 8.22 21.82
N ARG B 101 43.74 7.92 20.56
CA ARG B 101 42.73 6.96 20.10
C ARG B 101 43.34 6.01 19.07
N VAL B 102 44.43 5.34 19.46
CA VAL B 102 45.12 4.40 18.57
C VAL B 102 44.17 3.29 18.12
N LYS B 103 44.20 2.99 16.81
CA LYS B 103 43.26 2.09 16.18
C LYS B 103 44.02 0.87 15.65
N VAL B 104 43.71 -0.30 16.21
CA VAL B 104 44.31 -1.56 15.77
C VAL B 104 43.13 -2.40 15.29
N GLY B 105 42.14 -1.74 14.71
CA GLY B 105 40.94 -2.41 14.26
C GLY B 105 39.78 -2.06 15.14
N ALA B 106 40.05 -1.97 16.44
CA ALA B 106 39.12 -1.40 17.40
C ALA B 106 39.87 -0.35 18.18
N TYR B 107 39.25 0.82 18.36
CA TYR B 107 39.94 1.97 18.94
C TYR B 107 40.24 1.72 20.41
N TYR B 108 41.47 1.99 20.81
CA TYR B 108 41.91 1.82 22.19
C TYR B 108 42.29 3.19 22.73
N ARG B 109 41.95 3.47 23.99
CA ARG B 109 42.24 4.80 24.53
C ARG B 109 42.36 4.78 26.05
N GLY B 110 43.00 5.82 26.57
CA GLY B 110 43.15 6.01 28.00
C GLY B 110 42.50 7.29 28.47
N GLN B 111 42.88 7.79 29.64
CA GLN B 111 42.22 8.98 30.21
C GLN B 111 43.14 9.97 30.91
N GLY B 112 44.43 9.67 31.03
CA GLY B 112 45.31 10.38 31.94
C GLY B 112 45.98 11.66 31.47
N THR B 113 45.29 12.80 31.44
CA THR B 113 45.94 14.05 31.08
C THR B 113 45.62 15.13 32.11
N GLN B 114 46.33 16.25 32.01
CA GLN B 114 46.12 17.45 32.83
C GLN B 114 46.15 18.70 31.94
N VAL B 115 45.38 18.68 30.85
CA VAL B 115 45.35 19.82 29.93
C VAL B 115 44.35 20.84 30.47
N THR B 116 44.85 22.03 30.80
CA THR B 116 44.02 23.15 31.24
C THR B 116 44.74 24.44 30.92
N VAL B 117 44.12 25.29 30.11
CA VAL B 117 44.72 26.54 29.66
C VAL B 117 44.04 27.70 30.39
N SER B 118 44.84 28.52 31.06
CA SER B 118 44.33 29.69 31.77
C SER B 118 44.57 30.97 30.96
N SER C 4 -22.16 30.20 -40.82
CA SER C 4 -21.46 31.21 -41.58
C SER C 4 -21.09 30.70 -42.96
N GLN C 5 -21.42 29.43 -43.22
CA GLN C 5 -21.18 28.72 -44.48
C GLN C 5 -19.68 28.72 -44.83
N VAL C 6 -18.91 28.07 -43.98
CA VAL C 6 -17.47 27.96 -44.15
C VAL C 6 -17.17 26.99 -45.30
N GLN C 7 -16.08 27.27 -46.02
CA GLN C 7 -15.72 26.48 -47.20
C GLN C 7 -14.23 26.63 -47.46
N LEU C 8 -13.57 25.49 -47.73
CA LEU C 8 -12.19 25.48 -48.20
C LEU C 8 -12.12 25.19 -49.69
N VAL C 9 -11.10 25.75 -50.33
CA VAL C 9 -10.84 25.54 -51.75
C VAL C 9 -9.39 25.11 -51.90
N GLU C 10 -9.17 23.91 -52.43
CA GLU C 10 -7.84 23.38 -52.64
C GLU C 10 -7.63 23.10 -54.11
N SER C 11 -6.43 23.39 -54.60
CA SER C 11 -6.08 23.16 -55.99
C SER C 11 -4.59 22.92 -56.11
N GLY C 12 -4.12 22.76 -57.34
CA GLY C 12 -2.73 22.51 -57.62
C GLY C 12 -2.37 21.06 -57.90
N GLY C 13 -3.33 20.15 -57.84
CA GLY C 13 -3.03 18.75 -58.03
C GLY C 13 -2.85 18.39 -59.49
N GLY C 14 -1.90 17.49 -59.75
CA GLY C 14 -1.63 17.06 -61.11
C GLY C 14 -0.55 16.00 -61.11
N LEU C 15 -0.47 15.30 -62.24
CA LEU C 15 0.53 14.26 -62.43
C LEU C 15 1.81 14.86 -62.99
N VAL C 16 2.94 14.49 -62.41
CA VAL C 16 4.23 15.06 -62.79
C VAL C 16 5.29 13.98 -62.66
N GLN C 17 6.42 14.18 -63.32
CA GLN C 17 7.55 13.26 -63.24
C GLN C 17 8.43 13.59 -62.05
N ALA C 18 9.51 12.83 -61.89
CA ALA C 18 10.49 13.07 -60.83
C ALA C 18 11.39 14.22 -61.25
N GLY C 19 11.21 15.38 -60.64
CA GLY C 19 12.03 16.54 -60.96
C GLY C 19 11.23 17.71 -61.50
N GLY C 20 9.92 17.68 -61.30
CA GLY C 20 9.04 18.74 -61.75
C GLY C 20 8.98 19.90 -60.78
N SER C 21 7.87 20.65 -60.89
CA SER C 21 7.62 21.79 -60.00
C SER C 21 6.13 22.02 -59.95
N LEU C 22 5.52 21.82 -58.78
CA LEU C 22 4.10 22.06 -58.58
C LEU C 22 3.90 23.20 -57.61
N ARG C 23 2.68 23.77 -57.65
CA ARG C 23 2.31 24.92 -56.82
C ARG C 23 0.91 24.67 -56.28
N LEU C 24 0.85 24.16 -55.04
CA LEU C 24 -0.42 23.83 -54.43
C LEU C 24 -1.12 25.09 -53.94
N SER C 25 -2.40 24.93 -53.59
CA SER C 25 -3.20 26.08 -53.18
C SER C 25 -4.16 25.68 -52.06
N CYS C 26 -4.44 26.64 -51.20
CA CYS C 26 -5.42 26.46 -50.11
C CYS C 26 -6.07 27.82 -49.87
N ALA C 27 -7.21 28.05 -50.51
CA ALA C 27 -7.90 29.33 -50.45
C ALA C 27 -8.97 29.28 -49.36
N ALA C 28 -8.73 29.97 -48.26
CA ALA C 28 -9.66 30.03 -47.15
C ALA C 28 -10.65 31.17 -47.34
N SER C 29 -11.89 30.94 -46.94
CA SER C 29 -12.95 31.93 -47.05
C SER C 29 -14.06 31.58 -46.08
N GLY C 30 -14.79 32.61 -45.63
CA GLY C 30 -15.91 32.40 -44.74
C GLY C 30 -15.50 32.01 -43.34
N PHE C 31 -14.74 32.86 -42.67
CA PHE C 31 -14.18 32.59 -41.36
C PHE C 31 -14.35 33.75 -40.40
N PRO C 32 -14.28 33.49 -39.10
CA PRO C 32 -13.90 34.54 -38.13
C PRO C 32 -12.41 34.85 -38.17
N VAL C 33 -11.94 35.60 -37.17
CA VAL C 33 -10.57 36.10 -37.16
C VAL C 33 -9.59 34.94 -37.04
N ASN C 34 -8.79 34.75 -38.09
CA ASN C 34 -7.95 33.58 -38.28
C ASN C 34 -6.55 33.84 -37.72
N ILE C 35 -5.90 32.77 -37.29
CA ILE C 35 -4.50 32.81 -36.89
C ILE C 35 -3.68 32.02 -37.91
N SER C 36 -2.49 32.52 -38.21
CA SER C 36 -1.63 31.83 -39.16
C SER C 36 -1.03 30.60 -38.49
N TRP C 37 -1.69 29.46 -38.66
CA TRP C 37 -1.19 28.16 -38.20
C TRP C 37 -1.51 27.09 -39.25
N MET C 38 -1.56 27.48 -40.52
CA MET C 38 -1.94 26.53 -41.56
C MET C 38 -0.80 25.55 -41.82
N GLU C 39 -1.17 24.33 -42.24
CA GLU C 39 -0.21 23.25 -42.40
C GLU C 39 -0.41 22.56 -43.74
N TRP C 40 0.37 21.52 -43.96
CA TRP C 40 0.27 20.60 -45.09
C TRP C 40 0.87 19.28 -44.63
N TYR C 41 0.24 18.16 -44.98
CA TYR C 41 0.84 16.86 -44.72
C TYR C 41 0.32 15.82 -45.70
N ARG C 42 0.82 14.60 -45.52
CA ARG C 42 0.59 13.46 -46.41
C ARG C 42 -0.27 12.40 -45.72
N GLN C 43 -0.93 11.59 -46.53
CA GLN C 43 -1.70 10.46 -46.03
C GLN C 43 -1.63 9.36 -47.08
N VAL C 44 -0.75 8.39 -46.86
CA VAL C 44 -0.58 7.24 -47.74
C VAL C 44 -1.76 6.30 -47.53
N PRO C 45 -2.02 5.33 -48.42
CA PRO C 45 -3.01 4.29 -48.12
C PRO C 45 -2.65 3.41 -46.93
N GLY C 46 -1.39 3.40 -46.50
CA GLY C 46 -1.03 2.84 -45.22
C GLY C 46 -1.38 3.78 -44.07
N LYS C 47 -0.71 3.56 -42.94
CA LYS C 47 -1.00 4.31 -41.73
C LYS C 47 0.21 5.17 -41.34
N GLU C 48 0.09 5.84 -40.18
CA GLU C 48 1.15 6.63 -39.54
C GLU C 48 1.66 7.76 -40.45
N ARG C 49 0.74 8.71 -40.67
CA ARG C 49 0.98 9.88 -41.49
C ARG C 49 2.08 10.77 -40.93
N GLU C 50 2.61 11.65 -41.78
CA GLU C 50 3.77 12.46 -41.47
C GLU C 50 3.52 13.91 -41.86
N TRP C 51 3.88 14.83 -40.97
CA TRP C 51 3.66 16.26 -41.18
C TRP C 51 4.84 16.88 -41.91
N VAL C 52 4.57 17.98 -42.63
CA VAL C 52 5.52 18.53 -43.59
C VAL C 52 5.99 19.94 -43.19
N ALA C 53 5.08 20.91 -43.14
CA ALA C 53 5.48 22.31 -43.07
C ALA C 53 4.60 23.08 -42.09
N ALA C 54 4.90 24.38 -41.96
CA ALA C 54 4.16 25.29 -41.09
C ALA C 54 4.41 26.72 -41.55
N ILE C 55 3.37 27.56 -41.43
CA ILE C 55 3.41 28.96 -41.84
C ILE C 55 3.06 29.81 -40.62
N GLN C 56 3.54 29.38 -39.45
CA GLN C 56 3.12 29.89 -38.15
C GLN C 56 3.43 31.36 -37.89
N SER C 57 3.07 31.82 -36.68
CA SER C 57 2.69 33.18 -36.32
C SER C 57 3.47 34.32 -36.97
N THR C 58 4.79 34.31 -36.83
CA THR C 58 5.61 35.44 -37.28
C THR C 58 6.38 35.17 -38.56
N GLY C 59 6.32 33.96 -39.11
CA GLY C 59 7.15 33.63 -40.25
C GLY C 59 8.62 33.53 -39.93
N SER C 60 8.97 33.30 -38.66
CA SER C 60 10.37 33.23 -38.26
C SER C 60 10.90 31.79 -38.34
N TYR C 61 10.26 30.87 -37.64
CA TYR C 61 10.64 29.47 -37.70
C TYR C 61 9.50 28.68 -38.32
N THR C 62 9.84 27.77 -39.24
CA THR C 62 8.87 26.90 -39.88
C THR C 62 9.25 25.45 -39.60
N TRP C 63 8.32 24.71 -39.00
CA TRP C 63 8.61 23.33 -38.62
C TRP C 63 8.63 22.42 -39.84
N TYR C 64 9.80 22.26 -40.44
CA TYR C 64 9.96 21.28 -41.49
C TYR C 64 10.33 19.92 -40.89
N ALA C 65 10.28 18.89 -41.73
CA ALA C 65 10.76 17.57 -41.33
C ALA C 65 12.24 17.46 -41.70
N ASP C 66 12.79 16.25 -41.60
CA ASP C 66 14.22 16.09 -41.85
C ASP C 66 14.53 16.11 -43.34
N SER C 67 13.81 15.30 -44.13
CA SER C 67 14.15 15.15 -45.54
C SER C 67 13.65 16.31 -46.40
N VAL C 68 12.79 17.17 -45.88
CA VAL C 68 12.17 18.22 -46.67
C VAL C 68 12.70 19.59 -46.31
N LYS C 69 13.76 19.67 -45.51
CA LYS C 69 14.29 20.95 -45.06
C LYS C 69 15.08 21.61 -46.18
N GLY C 70 14.81 22.90 -46.41
CA GLY C 70 15.54 23.66 -47.39
C GLY C 70 15.16 23.40 -48.83
N ARG C 71 14.04 22.72 -49.08
CA ARG C 71 13.64 22.38 -50.43
C ARG C 71 12.17 22.62 -50.73
N PHE C 72 11.33 22.84 -49.72
CA PHE C 72 9.91 23.12 -49.90
C PHE C 72 9.63 24.53 -49.42
N THR C 73 9.28 25.42 -50.35
CA THR C 73 9.02 26.82 -50.05
C THR C 73 7.57 27.00 -49.66
N ILE C 74 7.34 27.55 -48.46
CA ILE C 74 6.00 27.89 -48.00
C ILE C 74 5.89 29.41 -47.99
N SER C 75 4.68 29.92 -48.23
CA SER C 75 4.50 31.35 -48.39
C SER C 75 3.16 31.77 -47.80
N ARG C 76 3.16 32.92 -47.13
CA ARG C 76 1.96 33.46 -46.51
C ARG C 76 1.43 34.62 -47.35
N ASP C 77 0.10 34.63 -47.56
CA ASP C 77 -0.59 35.73 -48.24
C ASP C 77 -1.86 35.99 -47.45
N ASN C 78 -1.78 36.93 -46.49
CA ASN C 78 -2.92 37.25 -45.65
C ASN C 78 -3.95 38.12 -46.36
N ALA C 79 -3.60 38.71 -47.51
CA ALA C 79 -4.56 39.50 -48.26
C ALA C 79 -5.60 38.62 -48.93
N LYS C 80 -5.15 37.62 -49.70
CA LYS C 80 -6.06 36.68 -50.35
C LYS C 80 -6.44 35.51 -49.45
N ASN C 81 -5.85 35.43 -48.24
CA ASN C 81 -6.08 34.35 -47.27
C ASN C 81 -5.78 32.98 -47.87
N THR C 82 -4.58 32.86 -48.46
CA THR C 82 -4.19 31.66 -49.17
C THR C 82 -2.71 31.41 -48.94
N VAL C 83 -2.38 30.23 -48.42
CA VAL C 83 -1.00 29.82 -48.21
C VAL C 83 -0.61 28.85 -49.32
N TYR C 84 0.45 29.19 -50.06
CA TYR C 84 0.95 28.37 -51.15
C TYR C 84 2.14 27.56 -50.65
N LEU C 85 2.20 26.30 -51.07
CA LEU C 85 3.31 25.41 -50.76
C LEU C 85 4.00 25.05 -52.07
N GLN C 86 5.17 25.64 -52.31
CA GLN C 86 5.92 25.39 -53.53
C GLN C 86 6.88 24.22 -53.32
N MET C 87 6.70 23.17 -54.11
CA MET C 87 7.53 21.97 -54.04
C MET C 87 8.63 22.05 -55.09
N ASN C 88 9.83 21.59 -54.71
CA ASN C 88 10.99 21.63 -55.59
C ASN C 88 11.73 20.31 -55.51
N SER C 89 12.20 19.83 -56.67
CA SER C 89 12.88 18.54 -56.85
C SER C 89 12.02 17.39 -56.33
N LEU C 90 10.88 17.21 -57.01
CA LEU C 90 9.81 16.36 -56.49
C LEU C 90 10.19 14.89 -56.59
N LYS C 91 10.41 14.27 -55.43
CA LYS C 91 10.74 12.86 -55.30
C LYS C 91 9.53 12.01 -55.66
N PRO C 92 9.75 10.79 -56.20
CA PRO C 92 8.62 9.96 -56.64
C PRO C 92 7.74 9.42 -55.53
N GLU C 93 8.11 9.55 -54.26
CA GLU C 93 7.29 9.04 -53.16
C GLU C 93 6.30 10.10 -52.64
N ASP C 94 5.60 10.73 -53.57
CA ASP C 94 4.63 11.77 -53.27
C ASP C 94 3.30 11.46 -53.93
N THR C 95 2.95 10.18 -53.99
CA THR C 95 1.69 9.76 -54.59
C THR C 95 0.50 10.06 -53.70
N ALA C 96 0.73 10.24 -52.40
CA ALA C 96 -0.32 10.36 -51.41
C ALA C 96 -1.06 11.69 -51.53
N VAL C 97 -2.11 11.82 -50.73
CA VAL C 97 -2.98 13.00 -50.74
C VAL C 97 -2.38 14.09 -49.86
N TYR C 98 -2.39 15.33 -50.36
CA TYR C 98 -1.91 16.50 -49.65
C TYR C 98 -3.06 17.49 -49.45
N TYR C 99 -3.16 18.06 -48.26
CA TYR C 99 -4.24 18.99 -47.96
C TYR C 99 -3.87 19.87 -46.77
N CYS C 100 -4.56 21.01 -46.67
CA CYS C 100 -4.22 22.05 -45.71
C CYS C 100 -5.11 21.98 -44.47
N ARG C 101 -4.59 22.49 -43.36
CA ARG C 101 -5.09 22.22 -42.02
C ARG C 101 -5.20 23.56 -41.25
N VAL C 102 -5.95 24.51 -41.83
CA VAL C 102 -6.14 25.81 -41.21
C VAL C 102 -6.77 25.68 -39.83
N LYS C 103 -6.21 26.41 -38.86
CA LYS C 103 -6.57 26.28 -37.45
C LYS C 103 -7.20 27.57 -36.97
N VAL C 104 -8.48 27.51 -36.59
CA VAL C 104 -9.20 28.66 -36.06
C VAL C 104 -9.60 28.25 -34.64
N GLY C 105 -8.73 27.47 -33.99
CA GLY C 105 -9.02 26.97 -32.68
C GLY C 105 -9.29 25.48 -32.73
N ALA C 106 -10.01 25.07 -33.76
CA ALA C 106 -10.16 23.67 -34.11
C ALA C 106 -9.78 23.53 -35.57
N TYR C 107 -8.97 22.52 -35.88
CA TYR C 107 -8.40 22.38 -37.21
C TYR C 107 -9.48 22.03 -38.23
N TYR C 108 -9.49 22.75 -39.34
CA TYR C 108 -10.45 22.51 -40.42
C TYR C 108 -9.68 22.06 -41.65
N ARG C 109 -10.23 21.10 -42.40
CA ARG C 109 -9.50 20.59 -43.55
C ARG C 109 -10.44 19.99 -44.60
N GLY C 110 -9.92 19.88 -45.82
CA GLY C 110 -10.63 19.27 -46.93
C GLY C 110 -9.90 18.05 -47.46
N GLN C 111 -10.21 17.63 -48.69
CA GLN C 111 -9.63 16.40 -49.22
C GLN C 111 -9.25 16.46 -50.70
N GLY C 112 -9.54 17.55 -51.39
CA GLY C 112 -9.49 17.57 -52.85
C GLY C 112 -8.19 17.87 -53.56
N THR C 113 -7.27 16.89 -53.67
CA THR C 113 -6.06 17.12 -54.44
C THR C 113 -5.83 15.99 -55.44
N GLN C 114 -4.86 16.18 -56.32
CA GLN C 114 -4.41 15.20 -57.30
C GLN C 114 -2.88 15.17 -57.35
N VAL C 115 -2.25 15.06 -56.18
CA VAL C 115 -0.78 15.03 -56.11
C VAL C 115 -0.32 13.60 -56.36
N THR C 116 0.44 13.41 -57.44
CA THR C 116 1.04 12.12 -57.76
C THR C 116 2.28 12.37 -58.60
N VAL C 117 3.44 11.93 -58.12
CA VAL C 117 4.72 12.16 -58.80
C VAL C 117 5.18 10.85 -59.42
N SER C 118 5.44 10.87 -60.72
CA SER C 118 5.93 9.70 -61.43
C SER C 118 7.43 9.79 -61.67
N MET D 1 -41.05 5.75 25.02
CA MET D 1 -39.72 6.33 24.86
C MET D 1 -38.68 5.23 24.68
N ILE D 2 -37.41 5.60 24.71
CA ILE D 2 -36.34 4.63 24.64
C ILE D 2 -35.88 4.29 26.06
N THR D 3 -35.34 3.10 26.21
CA THR D 3 -34.77 2.64 27.47
C THR D 3 -33.26 2.75 27.41
N ALA D 4 -32.63 2.64 28.59
CA ALA D 4 -31.18 2.79 28.67
C ALA D 4 -30.43 1.62 28.06
N ALA D 5 -31.10 0.47 27.88
CA ALA D 5 -30.45 -0.65 27.23
C ALA D 5 -30.31 -0.42 25.72
N ASP D 6 -31.19 0.41 25.14
CA ASP D 6 -31.09 0.68 23.71
C ASP D 6 -29.88 1.55 23.38
N PHE D 7 -29.43 2.36 24.33
CA PHE D 7 -28.23 3.15 24.10
C PHE D 7 -26.97 2.29 24.10
N TYR D 8 -27.03 1.11 24.71
CA TYR D 8 -25.91 0.19 24.63
C TYR D 8 -25.90 -0.58 23.32
N HIS D 9 -27.07 -0.83 22.73
CA HIS D 9 -27.11 -1.53 21.45
C HIS D 9 -26.65 -0.64 20.30
N VAL D 10 -26.84 0.67 20.41
CA VAL D 10 -26.33 1.58 19.40
C VAL D 10 -24.82 1.70 19.50
N MET D 11 -24.30 1.81 20.72
CA MET D 11 -22.86 1.92 20.92
C MET D 11 -22.13 0.61 20.63
N THR D 12 -22.80 -0.53 20.70
CA THR D 12 -22.17 -1.80 20.37
C THR D 12 -21.90 -1.91 18.87
N ALA D 13 -22.70 -1.23 18.06
CA ALA D 13 -22.57 -1.35 16.61
C ALA D 13 -21.78 -0.23 15.97
N MET D 14 -21.48 0.85 16.69
CA MET D 14 -20.86 2.03 16.11
C MET D 14 -19.51 2.40 16.71
N VAL D 15 -19.29 2.14 17.99
CA VAL D 15 -17.94 2.31 18.57
C VAL D 15 -16.90 1.40 17.92
N PRO D 16 -17.19 0.15 17.50
CA PRO D 16 -16.21 -0.56 16.67
C PRO D 16 -15.92 0.05 15.31
N LEU D 17 -16.68 1.03 14.84
CA LEU D 17 -16.35 1.65 13.57
C LEU D 17 -15.36 2.78 13.74
N TYR D 18 -15.45 3.53 14.84
CA TYR D 18 -14.52 4.62 15.05
C TYR D 18 -13.17 4.15 15.57
N VAL D 19 -13.08 2.92 16.08
CA VAL D 19 -11.79 2.41 16.55
C VAL D 19 -10.89 2.11 15.37
N ALA D 20 -11.45 1.53 14.30
CA ALA D 20 -10.65 1.28 13.11
C ALA D 20 -10.34 2.53 12.32
N MET D 21 -10.93 3.67 12.66
CA MET D 21 -10.67 4.91 11.95
C MET D 21 -9.62 5.76 12.65
N ILE D 22 -9.52 5.66 13.98
CA ILE D 22 -8.51 6.42 14.71
C ILE D 22 -7.17 5.69 14.68
N LEU D 23 -7.18 4.36 14.55
CA LEU D 23 -5.91 3.64 14.40
C LEU D 23 -5.24 3.95 13.08
N ALA D 24 -6.00 4.29 12.05
CA ALA D 24 -5.42 4.65 10.77
C ALA D 24 -5.07 6.13 10.69
N TYR D 25 -5.78 6.97 11.42
CA TYR D 25 -5.37 8.37 11.52
C TYR D 25 -4.12 8.52 12.35
N GLY D 26 -4.01 7.75 13.43
CA GLY D 26 -2.85 7.87 14.30
C GLY D 26 -1.60 7.26 13.70
N SER D 27 -1.73 6.25 12.87
CA SER D 27 -0.55 5.60 12.33
C SER D 27 0.09 6.37 11.19
N VAL D 28 -0.53 7.47 10.74
CA VAL D 28 0.05 8.35 9.73
C VAL D 28 0.39 9.71 10.32
N LYS D 29 -0.53 10.30 11.05
CA LYS D 29 -0.31 11.63 11.60
C LYS D 29 0.59 11.59 12.82
N TRP D 30 0.29 10.71 13.78
CA TRP D 30 0.93 10.70 15.09
C TRP D 30 2.21 9.87 15.12
N TRP D 31 2.11 8.58 14.81
CA TRP D 31 3.23 7.68 15.01
C TRP D 31 3.95 7.28 13.72
N LYS D 32 3.44 7.69 12.56
CA LYS D 32 4.17 7.75 11.29
C LYS D 32 4.65 6.36 10.82
N ILE D 33 3.70 5.44 10.71
CA ILE D 33 4.02 4.10 10.23
C ILE D 33 4.00 4.05 8.70
N PHE D 34 3.04 4.68 8.06
CA PHE D 34 2.85 4.55 6.62
C PHE D 34 3.39 5.78 5.89
N THR D 35 4.25 5.53 4.91
CA THR D 35 4.63 6.54 3.94
C THR D 35 3.40 6.91 3.09
N PRO D 36 3.26 8.16 2.65
CA PRO D 36 2.10 8.51 1.80
C PRO D 36 2.03 7.83 0.45
N ASP D 37 3.04 7.07 0.04
CA ASP D 37 2.92 6.22 -1.13
C ASP D 37 2.53 4.79 -0.75
N GLN D 38 3.01 4.30 0.39
CA GLN D 38 2.51 3.06 0.97
C GLN D 38 1.05 3.19 1.37
N CYS D 39 0.63 4.38 1.79
CA CYS D 39 -0.74 4.64 2.18
C CYS D 39 -1.67 4.72 0.99
N SER D 40 -1.14 4.88 -0.22
CA SER D 40 -1.94 4.90 -1.43
C SER D 40 -2.24 3.52 -1.98
N GLY D 41 -1.55 2.49 -1.51
CA GLY D 41 -1.83 1.14 -1.95
C GLY D 41 -2.84 0.42 -1.10
N ILE D 42 -3.23 1.01 0.01
CA ILE D 42 -4.33 0.48 0.82
C ILE D 42 -5.66 1.00 0.32
N ASN D 43 -5.74 2.29 -0.04
CA ASN D 43 -6.94 2.85 -0.63
C ASN D 43 -7.22 2.23 -2.00
N ARG D 44 -6.18 1.84 -2.72
CA ARG D 44 -6.34 1.20 -4.02
C ARG D 44 -6.92 -0.21 -3.88
N PHE D 45 -6.67 -0.87 -2.76
CA PHE D 45 -7.21 -2.20 -2.52
C PHE D 45 -8.65 -2.14 -2.04
N VAL D 46 -8.97 -1.21 -1.15
CA VAL D 46 -10.32 -1.06 -0.62
C VAL D 46 -11.28 -0.63 -1.73
N ALA D 47 -10.81 0.19 -2.66
CA ALA D 47 -11.70 0.68 -3.70
C ALA D 47 -11.99 -0.37 -4.76
N LEU D 48 -11.09 -1.33 -4.96
CA LEU D 48 -11.25 -2.31 -6.03
C LEU D 48 -11.73 -3.68 -5.56
N PHE D 49 -11.21 -4.18 -4.44
CA PHE D 49 -11.51 -5.55 -4.02
C PHE D 49 -12.40 -5.65 -2.80
N ALA D 50 -12.23 -4.79 -1.80
CA ALA D 50 -12.92 -5.03 -0.53
C ALA D 50 -14.37 -4.57 -0.57
N VAL D 51 -14.61 -3.35 -1.02
CA VAL D 51 -15.97 -2.79 -1.05
C VAL D 51 -16.81 -3.32 -2.21
N PRO D 52 -16.32 -3.54 -3.44
CA PRO D 52 -17.17 -4.20 -4.44
C PRO D 52 -17.51 -5.65 -4.14
N LEU D 53 -16.88 -6.28 -3.15
CA LEU D 53 -17.34 -7.57 -2.66
C LEU D 53 -18.17 -7.47 -1.40
N LEU D 54 -18.11 -6.34 -0.71
CA LEU D 54 -19.05 -6.12 0.38
C LEU D 54 -20.44 -5.82 -0.15
N SER D 55 -20.52 -5.15 -1.29
CA SER D 55 -21.83 -4.87 -1.87
C SER D 55 -22.41 -6.06 -2.61
N PHE D 56 -21.60 -7.05 -2.95
CA PHE D 56 -22.15 -8.27 -3.53
C PHE D 56 -22.76 -9.15 -2.44
N HIS D 57 -22.21 -9.10 -1.23
CA HIS D 57 -22.70 -9.91 -0.13
C HIS D 57 -24.09 -9.48 0.32
N PHE D 58 -24.42 -8.21 0.15
CA PHE D 58 -25.69 -7.65 0.57
C PHE D 58 -26.76 -7.74 -0.51
N ILE D 59 -26.40 -7.52 -1.76
CA ILE D 59 -27.40 -7.50 -2.83
C ILE D 59 -27.79 -8.91 -3.23
N ALA D 60 -26.89 -9.88 -3.13
CA ALA D 60 -27.23 -11.25 -3.48
C ALA D 60 -28.13 -11.91 -2.45
N ALA D 61 -28.23 -11.37 -1.24
CA ALA D 61 -29.10 -11.89 -0.22
C ALA D 61 -30.43 -11.13 -0.14
N ASN D 62 -30.57 -10.07 -0.91
CA ASN D 62 -31.84 -9.37 -1.04
C ASN D 62 -32.86 -10.27 -1.72
N ASN D 63 -34.12 -10.12 -1.33
CA ASN D 63 -35.21 -10.85 -1.98
C ASN D 63 -36.00 -9.86 -2.82
N PRO D 64 -35.78 -9.80 -4.13
CA PRO D 64 -36.43 -8.76 -4.93
C PRO D 64 -37.90 -9.01 -5.21
N TYR D 65 -38.47 -10.12 -4.75
CA TYR D 65 -39.87 -10.38 -4.96
C TYR D 65 -40.72 -9.97 -3.77
N ALA D 66 -40.10 -9.52 -2.69
CA ALA D 66 -40.80 -9.09 -1.50
C ALA D 66 -40.18 -7.80 -0.98
N MET D 67 -39.92 -6.86 -1.87
CA MET D 67 -39.46 -5.56 -1.45
C MET D 67 -40.64 -4.75 -0.92
N ASN D 68 -40.33 -3.69 -0.17
CA ASN D 68 -41.35 -2.84 0.40
C ASN D 68 -41.55 -1.67 -0.56
N LEU D 69 -42.61 -1.72 -1.35
CA LEU D 69 -42.78 -0.79 -2.46
C LEU D 69 -43.25 0.59 -2.04
N ARG D 70 -43.86 0.73 -0.86
CA ARG D 70 -44.31 2.05 -0.43
C ARG D 70 -43.20 2.83 0.25
N PHE D 71 -42.34 2.15 1.03
CA PHE D 71 -41.14 2.78 1.55
C PHE D 71 -40.19 3.19 0.44
N LEU D 72 -40.14 2.40 -0.63
CA LEU D 72 -39.15 2.61 -1.69
C LEU D 72 -39.59 3.68 -2.68
N ALA D 73 -40.84 4.13 -2.61
CA ALA D 73 -41.30 5.25 -3.41
C ALA D 73 -41.21 6.58 -2.67
N ALA D 74 -41.09 6.55 -1.35
CA ALA D 74 -40.82 7.77 -0.60
C ALA D 74 -39.35 8.16 -0.62
N ASP D 75 -38.48 7.23 -1.00
CA ASP D 75 -37.07 7.52 -1.23
C ASP D 75 -36.82 8.04 -2.64
N SER D 76 -37.58 7.58 -3.62
CA SER D 76 -37.47 8.05 -4.99
C SER D 76 -38.31 9.28 -5.26
N LEU D 77 -39.04 9.78 -4.27
CA LEU D 77 -39.73 11.05 -4.38
C LEU D 77 -38.95 12.19 -3.73
N GLN D 78 -38.06 11.87 -2.78
CA GLN D 78 -37.12 12.86 -2.28
C GLN D 78 -36.27 13.41 -3.41
N LYS D 79 -35.75 12.52 -4.25
CA LYS D 79 -34.78 12.88 -5.28
C LYS D 79 -35.43 13.34 -6.57
N VAL D 80 -36.73 13.63 -6.55
CA VAL D 80 -37.42 14.29 -7.64
C VAL D 80 -37.88 15.69 -7.23
N ILE D 81 -38.29 15.86 -5.98
CA ILE D 81 -38.59 17.18 -5.44
C ILE D 81 -37.33 18.04 -5.43
N VAL D 82 -36.19 17.45 -5.04
CA VAL D 82 -34.95 18.20 -4.99
C VAL D 82 -34.43 18.48 -6.38
N LEU D 83 -34.51 17.50 -7.27
CA LEU D 83 -33.95 17.66 -8.61
C LEU D 83 -34.83 18.51 -9.50
N SER D 84 -36.05 18.84 -9.09
CA SER D 84 -36.89 19.75 -9.85
C SER D 84 -36.85 21.18 -9.33
N LEU D 85 -36.49 21.40 -8.07
CA LEU D 85 -36.34 22.76 -7.60
C LEU D 85 -35.04 23.38 -8.10
N LEU D 86 -34.00 22.57 -8.27
CA LEU D 86 -32.77 23.05 -8.89
C LEU D 86 -32.94 23.32 -10.38
N PHE D 87 -33.92 22.68 -11.02
CA PHE D 87 -34.22 22.96 -12.42
C PHE D 87 -34.99 24.26 -12.60
N LEU D 88 -35.75 24.68 -11.59
CA LEU D 88 -36.38 26.00 -11.57
C LEU D 88 -35.46 27.07 -11.00
N TRP D 89 -34.15 26.81 -10.93
CA TRP D 89 -33.18 27.78 -10.47
C TRP D 89 -32.19 28.14 -11.55
N CYS D 90 -31.64 27.15 -12.26
CA CYS D 90 -30.70 27.45 -13.34
C CYS D 90 -31.41 27.81 -14.63
N LYS D 91 -32.73 27.69 -14.69
CA LYS D 91 -33.51 28.11 -15.85
C LYS D 91 -34.28 29.40 -15.62
N LEU D 92 -34.39 29.86 -14.39
CA LEU D 92 -35.14 31.08 -14.07
C LEU D 92 -34.30 32.15 -13.39
N SER D 93 -33.40 31.78 -12.48
CA SER D 93 -32.48 32.77 -12.01
C SER D 93 -31.35 32.96 -13.02
N ARG D 94 -30.68 34.10 -12.92
CA ARG D 94 -29.69 34.47 -13.93
C ARG D 94 -28.28 34.03 -13.58
N ASN D 95 -27.99 33.76 -12.30
CA ASN D 95 -26.67 33.26 -11.90
C ASN D 95 -26.69 31.78 -11.53
N GLY D 96 -27.56 31.00 -12.14
CA GLY D 96 -27.56 29.56 -11.91
C GLY D 96 -26.67 28.83 -12.88
N SER D 97 -25.81 27.95 -12.37
CA SER D 97 -24.88 27.20 -13.18
C SER D 97 -25.15 25.72 -13.03
N LEU D 98 -24.38 24.91 -13.75
CA LEU D 98 -24.47 23.47 -13.62
C LEU D 98 -23.39 22.91 -12.70
N ASP D 99 -22.40 23.74 -12.32
CA ASP D 99 -21.46 23.33 -11.29
C ASP D 99 -22.12 23.22 -9.94
N TRP D 100 -23.14 24.04 -9.67
CA TRP D 100 -23.84 23.99 -8.41
C TRP D 100 -25.05 23.07 -8.42
N THR D 101 -25.59 22.75 -9.59
CA THR D 101 -26.70 21.81 -9.63
C THR D 101 -26.22 20.40 -9.30
N ILE D 102 -24.98 20.07 -9.62
CA ILE D 102 -24.47 18.76 -9.25
C ILE D 102 -24.10 18.72 -7.78
N THR D 103 -23.53 19.80 -7.25
CA THR D 103 -23.02 19.77 -5.89
C THR D 103 -24.15 19.84 -4.87
N LEU D 104 -25.19 20.62 -5.14
CA LEU D 104 -26.31 20.67 -4.22
C LEU D 104 -27.21 19.45 -4.30
N PHE D 105 -27.10 18.65 -5.36
CA PHE D 105 -27.77 17.37 -5.40
C PHE D 105 -26.99 16.27 -4.69
N SER D 106 -25.65 16.36 -4.71
CA SER D 106 -24.85 15.36 -4.03
C SER D 106 -24.84 15.54 -2.52
N LEU D 107 -24.87 16.79 -2.05
CA LEU D 107 -24.87 17.03 -0.61
C LEU D 107 -26.17 16.60 0.02
N SER D 108 -27.29 17.10 -0.50
CA SER D 108 -28.54 16.96 0.23
C SER D 108 -29.19 15.59 0.09
N THR D 109 -28.90 14.82 -0.97
CA THR D 109 -29.72 13.64 -1.25
C THR D 109 -28.93 12.36 -1.51
N LEU D 110 -27.67 12.26 -1.11
CA LEU D 110 -26.91 11.02 -1.29
C LEU D 110 -26.04 10.75 -0.08
N PRO D 111 -26.55 9.98 0.90
CA PRO D 111 -25.76 9.71 2.11
C PRO D 111 -24.85 8.50 2.02
N ASN D 112 -24.27 8.00 3.14
CA ASN D 112 -23.35 6.83 3.25
C ASN D 112 -24.18 5.85 3.72
N THR D 113 -24.61 4.95 2.91
CA THR D 113 -25.60 3.96 3.26
C THR D 113 -25.00 2.56 3.45
N LEU D 114 -23.95 2.23 2.74
CA LEU D 114 -23.46 0.85 2.75
C LEU D 114 -22.59 0.56 3.96
N VAL D 115 -21.63 1.43 4.26
CA VAL D 115 -20.69 1.14 5.32
C VAL D 115 -21.26 1.51 6.68
N MET D 116 -21.77 2.73 6.81
CA MET D 116 -22.29 3.18 8.09
C MET D 116 -23.78 2.94 8.26
N GLY D 117 -24.55 2.94 7.16
CA GLY D 117 -26.00 3.00 7.30
C GLY D 117 -26.64 1.68 7.68
N ILE D 118 -26.07 0.57 7.23
CA ILE D 118 -26.64 -0.73 7.57
C ILE D 118 -26.35 -1.12 9.02
N PRO D 119 -25.12 -1.02 9.57
CA PRO D 119 -24.96 -1.35 11.00
C PRO D 119 -25.62 -0.37 11.96
N LEU D 120 -25.83 0.89 11.56
CA LEU D 120 -26.43 1.84 12.48
C LEU D 120 -27.92 1.60 12.64
N LEU D 121 -28.65 1.44 11.54
CA LEU D 121 -30.08 1.27 11.63
C LEU D 121 -30.46 -0.11 12.12
N LYS D 122 -29.57 -1.09 11.99
CA LYS D 122 -29.86 -2.43 12.49
C LYS D 122 -29.76 -2.48 14.01
N GLY D 123 -28.93 -1.64 14.60
CA GLY D 123 -28.83 -1.59 16.05
C GLY D 123 -29.89 -0.71 16.69
N MET D 124 -30.34 0.31 15.98
CA MET D 124 -31.37 1.19 16.52
C MET D 124 -32.74 0.54 16.51
N TYR D 125 -33.12 -0.11 15.41
CA TYR D 125 -34.48 -0.60 15.24
C TYR D 125 -34.61 -2.11 15.02
N GLY D 126 -33.55 -2.82 14.70
CA GLY D 126 -33.64 -4.27 14.65
C GLY D 126 -33.35 -4.80 13.27
N ASN D 127 -33.52 -6.11 13.11
CA ASN D 127 -33.10 -6.79 11.88
C ASN D 127 -34.03 -6.58 10.70
N PHE D 128 -35.17 -5.91 10.86
CA PHE D 128 -35.99 -5.63 9.69
C PHE D 128 -35.57 -4.34 9.01
N SER D 129 -35.04 -3.37 9.77
CA SER D 129 -34.58 -2.12 9.19
C SER D 129 -33.21 -2.24 8.56
N GLY D 130 -32.47 -3.30 8.87
CA GLY D 130 -31.30 -3.62 8.09
C GLY D 130 -31.64 -4.32 6.79
N ASP D 131 -32.88 -4.79 6.65
CA ASP D 131 -33.34 -5.35 5.39
C ASP D 131 -33.93 -4.27 4.50
N LEU D 132 -34.28 -3.12 5.07
CA LEU D 132 -34.75 -1.99 4.29
C LEU D 132 -33.60 -1.14 3.77
N MET D 133 -32.47 -1.10 4.48
CA MET D 133 -31.33 -0.33 4.00
C MET D 133 -30.67 -0.98 2.80
N VAL D 134 -30.81 -2.30 2.65
CA VAL D 134 -30.23 -2.95 1.48
C VAL D 134 -31.04 -2.60 0.24
N GLN D 135 -32.34 -2.36 0.41
CA GLN D 135 -33.19 -1.94 -0.69
C GLN D 135 -32.87 -0.54 -1.17
N ILE D 136 -32.21 0.28 -0.36
CA ILE D 136 -31.79 1.62 -0.75
C ILE D 136 -30.41 1.60 -1.41
N VAL D 137 -29.52 0.72 -0.95
CA VAL D 137 -28.21 0.53 -1.58
C VAL D 137 -28.35 0.00 -3.00
N VAL D 138 -29.40 -0.80 -3.26
CA VAL D 138 -29.65 -1.26 -4.62
C VAL D 138 -30.03 -0.09 -5.52
N LEU D 139 -30.87 0.82 -5.04
CA LEU D 139 -31.33 1.91 -5.89
C LEU D 139 -30.31 3.03 -6.04
N GLN D 140 -29.30 3.10 -5.17
CA GLN D 140 -28.25 4.08 -5.42
C GLN D 140 -27.23 3.58 -6.43
N CYS D 141 -26.84 2.32 -6.32
CA CYS D 141 -25.80 1.79 -7.20
C CYS D 141 -26.27 1.71 -8.65
N ILE D 142 -27.56 1.52 -8.86
CA ILE D 142 -28.07 1.16 -10.18
C ILE D 142 -28.82 2.30 -10.84
N ILE D 143 -29.26 3.33 -10.11
CA ILE D 143 -29.96 4.44 -10.72
C ILE D 143 -29.31 5.79 -10.40
N TRP D 144 -29.16 6.10 -9.12
CA TRP D 144 -28.77 7.46 -8.77
C TRP D 144 -27.27 7.71 -8.85
N TYR D 145 -26.46 6.67 -9.03
CA TYR D 145 -25.05 6.86 -9.36
C TYR D 145 -24.77 6.68 -10.83
N THR D 146 -25.81 6.55 -11.65
CA THR D 146 -25.72 6.53 -13.10
C THR D 146 -26.27 7.80 -13.71
N LEU D 147 -27.38 8.33 -13.17
CA LEU D 147 -27.85 9.65 -13.57
C LEU D 147 -26.83 10.73 -13.25
N MET D 148 -26.13 10.59 -12.11
CA MET D 148 -25.11 11.56 -11.76
C MET D 148 -23.88 11.43 -12.65
N LEU D 149 -23.68 10.27 -13.27
CA LEU D 149 -22.60 10.12 -14.23
C LEU D 149 -22.96 10.71 -15.58
N PHE D 150 -24.24 10.74 -15.95
CA PHE D 150 -24.66 11.48 -17.14
C PHE D 150 -24.54 12.99 -16.98
N LEU D 151 -24.46 13.49 -15.76
CA LEU D 151 -24.34 14.93 -15.58
C LEU D 151 -22.89 15.39 -15.66
N PHE D 152 -21.96 14.57 -15.17
CA PHE D 152 -20.55 14.95 -15.27
C PHE D 152 -20.03 14.82 -16.69
N GLU D 153 -20.62 13.94 -17.49
CA GLU D 153 -20.18 13.81 -18.88
C GLU D 153 -20.87 14.80 -19.79
N TYR D 154 -22.04 15.31 -19.41
CA TYR D 154 -22.63 16.40 -20.17
C TYR D 154 -21.97 17.72 -19.82
N ARG D 155 -21.48 17.87 -18.60
CA ARG D 155 -20.79 19.08 -18.21
C ARG D 155 -19.44 19.19 -18.91
N GLY D 156 -18.78 18.05 -19.14
CA GLY D 156 -17.48 18.09 -19.79
C GLY D 156 -17.56 18.16 -21.30
N ALA D 157 -18.55 17.51 -21.91
CA ALA D 157 -18.70 17.54 -23.35
C ALA D 157 -19.33 18.83 -23.85
N LYS D 158 -19.83 19.71 -23.06
CA LYS D 158 -20.24 20.99 -23.54
C LYS D 158 -19.17 21.99 -23.37
N LEU D 159 -18.22 21.80 -22.50
CA LEU D 159 -17.08 22.71 -22.47
C LEU D 159 -16.20 22.54 -23.70
N LEU D 160 -15.99 21.30 -24.14
CA LEU D 160 -15.06 21.05 -25.23
C LEU D 160 -15.60 21.51 -26.57
N ILE D 161 -16.92 21.62 -26.70
CA ILE D 161 -17.50 22.13 -27.94
C ILE D 161 -17.72 23.63 -27.89
N SER D 162 -18.10 24.17 -26.73
CA SER D 162 -18.36 25.60 -26.65
C SER D 162 -17.08 26.43 -26.62
N GLU D 163 -15.94 25.79 -26.34
CA GLU D 163 -14.68 26.53 -26.38
C GLU D 163 -14.03 26.49 -27.75
N GLN D 164 -14.05 25.35 -28.40
CA GLN D 164 -13.42 25.15 -29.69
C GLN D 164 -14.29 25.40 -30.90
N PHE D 165 -15.56 25.40 -30.79
CA PHE D 165 -16.46 25.76 -31.89
C PHE D 165 -17.40 26.86 -31.41
N PRO D 166 -16.92 28.09 -31.26
CA PRO D 166 -17.76 29.13 -30.66
C PRO D 166 -18.80 29.70 -31.62
N ASP D 167 -18.49 29.73 -32.91
CA ASP D 167 -19.35 30.41 -33.89
C ASP D 167 -19.74 29.49 -35.04
N THR D 168 -19.48 28.18 -34.91
CA THR D 168 -19.61 27.27 -36.03
C THR D 168 -20.43 26.03 -35.69
N ALA D 169 -20.60 25.73 -34.40
CA ALA D 169 -21.08 24.42 -33.92
C ALA D 169 -22.51 24.09 -34.33
N GLY D 170 -23.25 25.01 -34.95
CA GLY D 170 -24.58 24.70 -35.41
C GLY D 170 -24.63 23.79 -36.62
N SER D 171 -23.50 23.55 -37.28
CA SER D 171 -23.47 22.76 -38.50
C SER D 171 -22.72 21.45 -38.34
N ILE D 172 -22.53 20.97 -37.11
CA ILE D 172 -21.85 19.70 -36.87
C ILE D 172 -22.81 18.56 -37.15
N VAL D 173 -22.36 17.58 -37.93
CA VAL D 173 -23.21 16.45 -38.29
C VAL D 173 -22.99 15.27 -37.36
N SER D 174 -21.74 14.89 -37.10
CA SER D 174 -21.48 13.76 -36.22
C SER D 174 -20.13 13.92 -35.56
N ILE D 175 -20.01 13.40 -34.35
CA ILE D 175 -18.78 13.50 -33.56
C ILE D 175 -18.32 12.10 -33.20
N HIS D 176 -17.13 11.73 -33.67
CA HIS D 176 -16.48 10.49 -33.27
C HIS D 176 -15.46 10.78 -32.19
N VAL D 177 -15.11 9.76 -31.42
CA VAL D 177 -14.05 9.84 -30.42
C VAL D 177 -13.17 8.61 -30.59
N ASP D 178 -11.87 8.81 -30.73
CA ASP D 178 -10.95 7.69 -30.78
C ASP D 178 -10.90 6.99 -29.43
N SER D 179 -10.63 5.68 -29.47
CA SER D 179 -10.72 4.84 -28.28
C SER D 179 -9.54 4.98 -27.35
N ASP D 180 -8.56 5.83 -27.68
CA ASP D 180 -7.48 6.12 -26.76
C ASP D 180 -7.97 6.96 -25.58
N ILE D 181 -8.98 7.78 -25.81
CA ILE D 181 -9.46 8.74 -24.82
C ILE D 181 -10.54 8.09 -23.98
N MET D 182 -10.47 8.27 -22.67
CA MET D 182 -11.49 7.73 -21.77
C MET D 182 -12.25 8.80 -21.01
N SER D 183 -11.64 9.95 -20.75
CA SER D 183 -12.32 11.09 -20.14
C SER D 183 -11.78 12.36 -20.78
N LEU D 184 -12.67 13.18 -21.33
CA LEU D 184 -12.29 14.37 -22.08
C LEU D 184 -12.29 15.64 -21.23
N ASP D 185 -12.01 15.51 -19.93
CA ASP D 185 -12.06 16.65 -19.01
C ASP D 185 -10.68 17.28 -18.84
N GLY D 186 -10.10 17.72 -19.95
CA GLY D 186 -8.93 18.57 -19.94
C GLY D 186 -7.62 17.95 -19.47
N ARG D 187 -7.65 16.71 -18.97
CA ARG D 187 -6.44 16.08 -18.44
C ARG D 187 -5.48 15.67 -19.55
N GLN D 188 -6.01 15.26 -20.69
CA GLN D 188 -5.26 14.94 -21.88
C GLN D 188 -5.34 16.11 -22.86
N PRO D 189 -4.39 16.22 -23.82
CA PRO D 189 -4.36 17.43 -24.67
C PRO D 189 -5.57 17.64 -25.58
N LEU D 190 -6.15 16.57 -26.14
CA LEU D 190 -7.48 16.58 -26.77
C LEU D 190 -7.56 17.52 -27.98
N GLU D 191 -6.77 17.21 -29.00
CA GLU D 191 -6.85 17.93 -30.27
C GLU D 191 -8.12 17.53 -31.00
N THR D 192 -8.85 18.52 -31.53
CA THR D 192 -10.04 18.27 -32.32
C THR D 192 -9.82 18.68 -33.76
N GLU D 193 -10.69 18.20 -34.65
CA GLU D 193 -10.45 18.26 -36.09
C GLU D 193 -11.76 18.13 -36.83
N ALA D 194 -11.91 18.85 -37.94
CA ALA D 194 -13.16 18.87 -38.66
C ALA D 194 -12.98 18.57 -40.15
N GLU D 195 -14.00 17.94 -40.73
CA GLU D 195 -14.06 17.58 -42.14
C GLU D 195 -15.07 18.51 -42.82
N ILE D 196 -14.61 19.52 -43.53
CA ILE D 196 -15.55 20.41 -44.21
C ILE D 196 -16.03 19.74 -45.49
N LYS D 197 -17.33 19.50 -45.57
CA LYS D 197 -17.99 18.87 -46.71
C LYS D 197 -18.45 19.93 -47.70
N GLU D 198 -19.29 19.52 -48.66
CA GLU D 198 -19.58 20.34 -49.83
C GLU D 198 -20.71 21.34 -49.62
N ASP D 199 -21.47 21.24 -48.53
CA ASP D 199 -22.61 22.14 -48.34
C ASP D 199 -22.67 22.69 -46.91
N GLY D 200 -21.53 23.06 -46.34
CA GLY D 200 -21.52 23.60 -44.99
C GLY D 200 -21.70 22.57 -43.90
N LYS D 201 -21.47 21.31 -44.18
CA LYS D 201 -21.51 20.30 -43.12
C LYS D 201 -20.13 20.14 -42.51
N LEU D 202 -20.06 19.30 -41.47
CA LEU D 202 -18.86 19.30 -40.63
C LEU D 202 -18.82 17.98 -39.85
N HIS D 203 -17.71 17.25 -39.96
CA HIS D 203 -17.49 16.02 -39.18
C HIS D 203 -16.39 16.26 -38.16
N VAL D 204 -16.76 16.34 -36.90
CA VAL D 204 -15.80 16.58 -35.83
C VAL D 204 -15.24 15.25 -35.37
N THR D 205 -13.91 15.19 -35.18
CA THR D 205 -13.24 14.00 -34.67
C THR D 205 -12.29 14.40 -33.56
N VAL D 206 -12.48 13.82 -32.38
CA VAL D 206 -11.67 14.13 -31.22
C VAL D 206 -10.50 13.16 -31.16
N ARG D 207 -9.29 13.70 -31.09
CA ARG D 207 -8.07 12.89 -31.14
C ARG D 207 -7.18 13.07 -29.92
N ARG D 208 -6.02 12.43 -29.94
CA ARG D 208 -4.98 12.61 -28.95
C ARG D 208 -3.84 13.42 -29.57
N SER D 209 -3.45 14.49 -28.91
CA SER D 209 -2.39 15.35 -29.44
C SER D 209 -1.04 14.91 -28.92
N ASN D 210 0.00 15.22 -29.70
CA ASN D 210 1.38 14.83 -29.38
C ASN D 210 2.28 16.03 -29.64
N ALA D 211 2.63 16.75 -28.57
CA ALA D 211 3.50 17.93 -28.57
C ALA D 211 3.02 19.03 -29.52
N MET D 455 -24.98 25.98 -30.65
CA MET D 455 -25.06 24.65 -30.08
C MET D 455 -25.26 23.59 -31.16
N PRO D 456 -24.74 22.39 -30.94
CA PRO D 456 -25.01 21.29 -31.86
C PRO D 456 -26.45 20.82 -31.73
N PRO D 457 -26.98 20.08 -32.70
CA PRO D 457 -28.31 19.50 -32.54
C PRO D 457 -28.30 18.41 -31.48
N THR D 458 -29.48 18.16 -30.91
CA THR D 458 -29.59 17.16 -29.85
C THR D 458 -29.71 15.74 -30.38
N SER D 459 -29.73 15.55 -31.68
CA SER D 459 -29.52 14.21 -32.23
C SER D 459 -28.05 13.85 -32.29
N VAL D 460 -27.16 14.81 -32.02
CA VAL D 460 -25.74 14.57 -32.04
C VAL D 460 -25.13 14.61 -30.65
N MET D 461 -25.62 15.49 -29.77
CA MET D 461 -25.09 15.57 -28.42
C MET D 461 -25.47 14.36 -27.59
N THR D 462 -26.64 13.79 -27.83
CA THR D 462 -27.01 12.58 -27.12
C THR D 462 -26.28 11.35 -27.62
N ARG D 463 -25.58 11.44 -28.75
CA ARG D 463 -24.79 10.34 -29.25
C ARG D 463 -23.38 10.38 -28.71
N LEU D 464 -22.83 11.58 -28.52
CA LEU D 464 -21.50 11.73 -27.95
C LEU D 464 -21.45 11.34 -26.48
N ILE D 465 -22.56 11.54 -25.77
CA ILE D 465 -22.56 11.27 -24.33
C ILE D 465 -22.65 9.78 -24.06
N LEU D 466 -23.49 9.06 -24.83
CA LEU D 466 -23.66 7.63 -24.61
C LEU D 466 -22.40 6.84 -24.94
N ILE D 467 -21.56 7.33 -25.85
CA ILE D 467 -20.28 6.69 -26.11
C ILE D 467 -19.36 6.88 -24.91
N MET D 468 -19.27 8.10 -24.39
CA MET D 468 -18.37 8.39 -23.29
C MET D 468 -18.88 7.88 -21.96
N VAL D 469 -20.16 7.54 -21.84
CA VAL D 469 -20.66 6.94 -20.61
C VAL D 469 -20.40 5.44 -20.59
N TRP D 470 -20.60 4.77 -21.73
CA TRP D 470 -20.32 3.34 -21.85
C TRP D 470 -18.86 3.01 -21.61
N ARG D 471 -17.94 3.91 -21.96
CA ARG D 471 -16.53 3.70 -21.69
C ARG D 471 -16.18 3.93 -20.23
N LYS D 472 -16.97 4.68 -19.49
CA LYS D 472 -16.73 4.86 -18.07
C LYS D 472 -17.53 3.89 -17.22
N LEU D 473 -18.40 3.10 -17.82
CA LEU D 473 -19.30 2.24 -17.07
C LEU D 473 -18.83 0.80 -17.04
N ILE D 474 -17.95 0.41 -17.98
CA ILE D 474 -17.37 -0.92 -17.99
C ILE D 474 -16.00 -0.98 -17.34
N ARG D 475 -15.43 0.16 -16.96
CA ARG D 475 -14.18 0.22 -16.20
C ARG D 475 -14.45 0.56 -14.75
N ASN D 476 -15.55 0.06 -14.19
CA ASN D 476 -16.02 0.45 -12.87
C ASN D 476 -16.31 -0.83 -12.10
N PRO D 477 -15.76 -1.01 -10.90
CA PRO D 477 -16.04 -2.24 -10.17
C PRO D 477 -17.45 -2.33 -9.60
N ASN D 478 -18.09 -1.20 -9.29
CA ASN D 478 -19.43 -1.23 -8.73
C ASN D 478 -20.52 -1.50 -9.76
N SER D 479 -20.19 -1.71 -11.02
CA SER D 479 -21.19 -2.08 -12.01
C SER D 479 -21.14 -3.55 -12.36
N TYR D 480 -20.21 -4.30 -11.76
CA TYR D 480 -20.20 -5.75 -11.84
C TYR D 480 -20.66 -6.38 -10.52
N SER D 481 -20.55 -5.64 -9.43
CA SER D 481 -21.15 -6.04 -8.18
C SER D 481 -22.68 -5.90 -8.19
N SER D 482 -23.21 -4.99 -9.00
CA SER D 482 -24.64 -4.80 -9.11
C SER D 482 -25.26 -5.53 -10.28
N LEU D 483 -24.48 -5.80 -11.34
CA LEU D 483 -24.98 -6.63 -12.42
C LEU D 483 -25.11 -8.08 -11.97
N PHE D 484 -24.09 -8.63 -11.32
CA PHE D 484 -24.13 -10.01 -10.90
C PHE D 484 -24.74 -10.19 -9.51
N GLY D 485 -24.96 -9.11 -8.78
CA GLY D 485 -25.66 -9.22 -7.53
C GLY D 485 -27.15 -9.41 -7.77
N ILE D 486 -27.73 -8.56 -8.60
CA ILE D 486 -29.16 -8.61 -8.85
C ILE D 486 -29.54 -9.82 -9.69
N THR D 487 -28.69 -10.22 -10.63
CA THR D 487 -29.00 -11.36 -11.50
C THR D 487 -29.03 -12.67 -10.73
N TRP D 488 -28.20 -12.80 -9.69
CA TRP D 488 -28.27 -14.00 -8.88
C TRP D 488 -29.46 -14.00 -7.93
N SER D 489 -29.84 -12.84 -7.40
CA SER D 489 -30.95 -12.82 -6.45
C SER D 489 -32.30 -12.96 -7.12
N LEU D 490 -32.39 -12.71 -8.43
CA LEU D 490 -33.60 -13.01 -9.18
C LEU D 490 -33.76 -14.49 -9.45
N ILE D 491 -32.67 -15.25 -9.40
CA ILE D 491 -32.72 -16.69 -9.67
C ILE D 491 -32.74 -17.49 -8.38
N SER D 492 -32.01 -17.04 -7.36
CA SER D 492 -31.90 -17.80 -6.13
C SER D 492 -33.19 -17.81 -5.32
N PHE D 493 -34.04 -16.80 -5.48
CA PHE D 493 -35.24 -16.66 -4.67
C PHE D 493 -36.50 -17.06 -5.40
N LYS D 494 -36.39 -17.71 -6.56
CA LYS D 494 -37.56 -18.23 -7.23
C LYS D 494 -37.54 -19.75 -7.33
N TRP D 495 -36.42 -20.34 -7.76
CA TRP D 495 -36.30 -21.78 -7.81
C TRP D 495 -35.61 -22.36 -6.58
N ASN D 496 -35.40 -21.54 -5.55
CA ASN D 496 -34.84 -21.93 -4.25
C ASN D 496 -33.43 -22.51 -4.39
N ILE D 497 -32.68 -22.05 -5.39
CA ILE D 497 -31.30 -22.47 -5.54
C ILE D 497 -30.46 -21.83 -4.44
N GLU D 498 -29.68 -22.64 -3.74
CA GLU D 498 -28.74 -22.14 -2.74
C GLU D 498 -27.33 -22.28 -3.29
N MET D 499 -26.54 -21.22 -3.15
CA MET D 499 -25.21 -21.19 -3.77
C MET D 499 -24.27 -22.13 -3.02
N PRO D 500 -23.48 -22.93 -3.74
CA PRO D 500 -22.68 -23.97 -3.09
C PRO D 500 -21.55 -23.40 -2.24
N ALA D 501 -21.07 -24.23 -1.32
CA ALA D 501 -20.18 -23.75 -0.27
C ALA D 501 -18.75 -23.57 -0.74
N LEU D 502 -18.36 -24.10 -1.89
CA LEU D 502 -17.08 -23.72 -2.49
C LEU D 502 -17.11 -22.27 -2.94
N ILE D 503 -18.20 -21.87 -3.61
CA ILE D 503 -18.25 -20.54 -4.20
C ILE D 503 -18.66 -19.52 -3.14
N ALA D 504 -19.52 -19.92 -2.21
CA ALA D 504 -19.98 -18.99 -1.18
C ALA D 504 -18.90 -18.66 -0.17
N LYS D 505 -17.91 -19.54 0.03
CA LYS D 505 -16.78 -19.24 0.90
C LYS D 505 -15.63 -18.59 0.16
N SER D 506 -15.58 -18.72 -1.17
CA SER D 506 -14.54 -18.05 -1.94
C SER D 506 -14.78 -16.55 -2.01
N ILE D 507 -16.04 -16.14 -1.96
CA ILE D 507 -16.39 -14.73 -1.93
C ILE D 507 -16.30 -14.18 -0.51
N SER D 508 -16.72 -14.97 0.47
CA SER D 508 -16.81 -14.54 1.85
C SER D 508 -15.46 -14.45 2.55
N ILE D 509 -14.37 -14.82 1.90
CA ILE D 509 -13.07 -14.67 2.53
C ILE D 509 -12.53 -13.26 2.33
N LEU D 510 -12.88 -12.60 1.23
CA LEU D 510 -12.46 -11.22 1.03
C LEU D 510 -13.50 -10.22 1.52
N SER D 511 -14.78 -10.57 1.50
CA SER D 511 -15.83 -9.64 1.91
C SER D 511 -15.95 -9.53 3.41
N ASP D 512 -15.31 -10.40 4.19
CA ASP D 512 -15.22 -10.17 5.62
C ASP D 512 -14.26 -9.05 5.94
N ALA D 513 -13.34 -8.74 5.03
CA ALA D 513 -12.48 -7.58 5.13
C ALA D 513 -13.12 -6.34 4.55
N GLY D 514 -14.44 -6.35 4.32
CA GLY D 514 -15.07 -5.21 3.71
C GLY D 514 -15.29 -4.07 4.68
N LEU D 515 -16.03 -4.34 5.76
CA LEU D 515 -16.43 -3.28 6.66
C LEU D 515 -15.32 -2.86 7.61
N GLY D 516 -14.29 -3.67 7.76
CA GLY D 516 -13.18 -3.29 8.60
C GLY D 516 -12.20 -2.40 7.86
N MET D 517 -11.87 -2.78 6.63
CA MET D 517 -10.90 -2.04 5.84
C MET D 517 -11.48 -0.77 5.25
N ALA D 518 -12.80 -0.68 5.10
CA ALA D 518 -13.39 0.54 4.56
C ALA D 518 -13.29 1.69 5.54
N MET D 519 -13.51 1.41 6.82
CA MET D 519 -13.31 2.43 7.84
C MET D 519 -11.85 2.66 8.15
N PHE D 520 -10.98 1.71 7.81
CA PHE D 520 -9.55 1.94 7.94
C PHE D 520 -9.06 2.85 6.82
N SER D 521 -9.55 2.62 5.60
CA SER D 521 -9.22 3.48 4.47
C SER D 521 -9.85 4.85 4.54
N LEU D 522 -10.82 5.05 5.43
CA LEU D 522 -11.47 6.33 5.56
C LEU D 522 -10.78 7.19 6.61
N GLY D 523 -9.94 6.61 7.44
CA GLY D 523 -9.18 7.36 8.41
C GLY D 523 -7.80 7.67 7.90
N LEU D 524 -7.32 6.90 6.91
CA LEU D 524 -6.10 7.28 6.22
C LEU D 524 -6.30 8.54 5.41
N PHE D 525 -7.49 8.70 4.84
CA PHE D 525 -7.76 9.86 4.00
C PHE D 525 -7.91 11.14 4.80
N MET D 526 -8.44 11.07 6.03
CA MET D 526 -8.46 12.28 6.84
C MET D 526 -7.12 12.56 7.53
N ALA D 527 -6.10 11.76 7.28
CA ALA D 527 -4.75 12.06 7.72
C ALA D 527 -3.91 12.67 6.61
N LEU D 528 -4.32 12.50 5.36
CA LEU D 528 -3.54 12.99 4.23
C LEU D 528 -3.96 14.38 3.78
N ASN D 529 -5.17 14.80 4.11
CA ASN D 529 -5.54 16.18 3.84
C ASN D 529 -4.83 17.12 4.81
N PRO D 530 -4.60 18.38 4.41
CA PRO D 530 -3.94 19.34 5.33
C PRO D 530 -4.78 19.66 6.55
N ARG D 531 -6.03 20.08 6.33
CA ARG D 531 -6.94 20.39 7.41
C ARG D 531 -8.25 19.66 7.18
N ILE D 532 -8.99 19.45 8.26
CA ILE D 532 -10.30 18.80 8.14
C ILE D 532 -11.28 19.72 7.43
N ILE D 533 -11.45 20.94 7.93
CA ILE D 533 -12.28 21.95 7.28
C ILE D 533 -11.42 22.60 6.20
N ALA D 534 -11.55 22.14 4.96
CA ALA D 534 -10.66 22.53 3.88
C ALA D 534 -11.25 23.59 2.96
N CYS D 535 -12.38 24.19 3.33
CA CYS D 535 -13.10 25.09 2.45
C CYS D 535 -13.60 26.35 3.13
N GLY D 536 -13.03 26.74 4.26
CA GLY D 536 -13.50 27.90 4.98
C GLY D 536 -14.60 27.56 5.95
N ASN D 537 -14.94 28.53 6.80
CA ASN D 537 -16.00 28.29 7.78
C ASN D 537 -17.39 28.61 7.24
N ARG D 538 -17.50 29.41 6.19
CA ARG D 538 -18.83 29.64 5.60
C ARG D 538 -19.27 28.46 4.76
N ARG D 539 -18.38 27.92 3.93
CA ARG D 539 -18.72 26.81 3.06
C ARG D 539 -18.72 25.47 3.77
N ALA D 540 -18.37 25.42 5.05
CA ALA D 540 -18.49 24.18 5.80
C ALA D 540 -19.78 24.11 6.59
N ALA D 541 -20.30 25.26 7.04
CA ALA D 541 -21.63 25.26 7.63
C ALA D 541 -22.69 25.03 6.58
N PHE D 542 -22.41 25.46 5.35
CA PHE D 542 -23.30 25.22 4.22
C PHE D 542 -23.31 23.75 3.81
N ALA D 543 -22.26 22.99 4.13
CA ALA D 543 -22.20 21.58 3.80
C ALA D 543 -22.83 20.71 4.87
N ALA D 544 -23.00 21.23 6.09
CA ALA D 544 -23.65 20.51 7.17
C ALA D 544 -24.99 21.11 7.53
N ALA D 545 -25.55 21.91 6.65
CA ALA D 545 -26.94 22.34 6.75
C ALA D 545 -27.78 21.85 5.58
N MET D 546 -27.19 21.67 4.41
CA MET D 546 -27.86 20.90 3.37
C MET D 546 -27.95 19.44 3.74
N ARG D 547 -27.01 18.93 4.52
CA ARG D 547 -26.89 17.51 4.73
C ARG D 547 -27.73 17.00 5.89
N PHE D 548 -27.82 17.74 6.99
CA PHE D 548 -28.52 17.28 8.17
C PHE D 548 -29.82 18.02 8.44
N VAL D 549 -30.18 19.00 7.61
CA VAL D 549 -31.44 19.73 7.81
C VAL D 549 -32.30 19.66 6.56
N VAL D 550 -31.77 20.02 5.41
CA VAL D 550 -32.56 20.01 4.17
C VAL D 550 -32.76 18.59 3.68
N GLY D 551 -31.90 17.66 4.07
CA GLY D 551 -32.13 16.25 3.84
C GLY D 551 -33.36 15.72 4.56
N PRO D 552 -33.32 15.69 5.90
CA PRO D 552 -34.46 15.16 6.65
C PRO D 552 -35.62 16.12 6.85
N ALA D 553 -35.71 17.20 6.10
CA ALA D 553 -36.93 18.00 6.08
C ALA D 553 -37.63 17.94 4.74
N VAL D 554 -37.09 17.18 3.80
CA VAL D 554 -37.76 16.91 2.53
C VAL D 554 -38.10 15.43 2.37
N MET D 555 -37.63 14.56 3.28
CA MET D 555 -38.24 13.25 3.47
C MET D 555 -39.24 13.22 4.61
N LEU D 556 -39.57 14.35 5.20
CA LEU D 556 -40.71 14.37 6.10
C LEU D 556 -41.99 14.73 5.35
N VAL D 557 -41.86 15.43 4.23
CA VAL D 557 -43.01 15.78 3.40
C VAL D 557 -43.14 14.84 2.20
N ALA D 558 -42.10 14.07 1.89
CA ALA D 558 -42.20 13.05 0.87
C ALA D 558 -42.45 11.67 1.45
N SER D 559 -42.52 11.54 2.77
CA SER D 559 -42.96 10.31 3.43
C SER D 559 -44.32 10.44 4.07
N TYR D 560 -44.79 11.66 4.31
CA TYR D 560 -46.16 11.85 4.77
C TYR D 560 -47.13 11.96 3.60
N ALA D 561 -46.65 12.37 2.43
CA ALA D 561 -47.50 12.44 1.25
C ALA D 561 -47.57 11.13 0.48
N VAL D 562 -47.09 10.03 1.05
CA VAL D 562 -47.20 8.72 0.43
C VAL D 562 -48.08 7.80 1.26
N GLY D 563 -47.93 7.81 2.58
CA GLY D 563 -48.76 7.00 3.44
C GLY D 563 -47.99 6.26 4.52
N LEU D 564 -46.72 6.60 4.71
CA LEU D 564 -45.92 5.94 5.74
C LEU D 564 -46.28 6.50 7.11
N ARG D 565 -46.36 5.61 8.10
CA ARG D 565 -46.61 6.01 9.48
C ARG D 565 -45.76 5.16 10.42
N GLY D 566 -45.74 5.57 11.69
CA GLY D 566 -45.22 4.73 12.74
C GLY D 566 -43.72 4.53 12.75
N VAL D 567 -43.29 3.32 12.43
CA VAL D 567 -41.86 2.99 12.44
C VAL D 567 -41.24 3.21 11.07
N LEU D 568 -41.99 2.96 10.00
CA LEU D 568 -41.49 3.21 8.65
C LEU D 568 -41.32 4.69 8.35
N LEU D 569 -42.00 5.56 9.09
CA LEU D 569 -41.68 6.98 9.00
C LEU D 569 -40.42 7.30 9.79
N HIS D 570 -40.18 6.60 10.88
CA HIS D 570 -39.01 6.89 11.71
C HIS D 570 -37.73 6.35 11.12
N VAL D 571 -37.78 5.26 10.35
CA VAL D 571 -36.56 4.77 9.72
C VAL D 571 -36.18 5.65 8.54
N ALA D 572 -37.18 6.20 7.85
CA ALA D 572 -36.94 7.02 6.67
C ALA D 572 -36.31 8.36 6.99
N ILE D 573 -36.70 9.00 8.09
CA ILE D 573 -36.12 10.27 8.48
C ILE D 573 -34.68 10.12 8.98
N ILE D 574 -34.38 9.03 9.70
CA ILE D 574 -33.07 8.86 10.29
C ILE D 574 -32.02 8.54 9.23
N GLN D 575 -32.38 7.75 8.23
CA GLN D 575 -31.43 7.42 7.17
C GLN D 575 -31.16 8.60 6.25
N ALA D 576 -31.99 9.64 6.29
CA ALA D 576 -31.70 10.86 5.55
C ALA D 576 -30.68 11.73 6.24
N ALA D 577 -30.42 11.51 7.52
CA ALA D 577 -29.47 12.29 8.30
C ALA D 577 -28.13 11.59 8.42
N LEU D 578 -27.87 10.58 7.62
CA LEU D 578 -26.57 9.95 7.58
C LEU D 578 -25.56 10.90 6.93
N PRO D 579 -24.27 10.75 7.22
CA PRO D 579 -23.28 11.60 6.56
C PRO D 579 -23.12 11.20 5.10
N GLN D 580 -22.38 12.02 4.36
CA GLN D 580 -22.36 11.87 2.91
C GLN D 580 -21.48 10.71 2.47
N GLY D 581 -21.94 9.99 1.45
CA GLY D 581 -21.18 8.91 0.86
C GLY D 581 -19.92 9.38 0.16
N ILE D 582 -19.17 8.38 -0.33
CA ILE D 582 -17.80 8.59 -0.79
C ILE D 582 -17.73 8.69 -2.30
N VAL D 583 -18.58 7.96 -3.00
CA VAL D 583 -18.64 8.00 -4.46
C VAL D 583 -19.03 9.37 -5.02
N PRO D 584 -19.87 10.20 -4.37
CA PRO D 584 -19.94 11.61 -4.82
C PRO D 584 -18.66 12.42 -4.60
N PHE D 585 -17.73 11.98 -3.77
CA PHE D 585 -16.43 12.64 -3.70
C PHE D 585 -15.45 12.11 -4.73
N VAL D 586 -15.51 10.82 -5.06
CA VAL D 586 -14.65 10.24 -6.08
C VAL D 586 -14.91 10.90 -7.44
N PHE D 587 -16.17 11.19 -7.75
CA PHE D 587 -16.48 11.88 -9.00
C PHE D 587 -16.00 13.32 -8.96
N ALA D 588 -16.24 14.04 -7.87
CA ALA D 588 -15.93 15.46 -7.85
C ALA D 588 -14.45 15.76 -7.66
N LYS D 589 -13.63 14.76 -7.34
CA LYS D 589 -12.20 14.97 -7.34
C LYS D 589 -11.63 14.84 -8.74
N GLU D 590 -12.21 13.96 -9.55
CA GLU D 590 -11.72 13.76 -10.91
C GLU D 590 -12.11 14.91 -11.82
N TYR D 591 -13.37 15.30 -11.81
CA TYR D 591 -13.87 16.31 -12.73
C TYR D 591 -13.65 17.74 -12.22
N ASN D 592 -13.10 17.90 -11.01
CA ASN D 592 -12.84 19.20 -10.36
C ASN D 592 -14.10 20.04 -10.20
N VAL D 593 -15.23 19.41 -9.89
CA VAL D 593 -16.43 20.19 -9.59
C VAL D 593 -16.52 20.26 -8.08
N HIS D 594 -15.92 21.30 -7.50
CA HIS D 594 -15.82 21.61 -6.08
C HIS D 594 -15.29 20.43 -5.27
N PRO D 595 -13.99 20.11 -5.36
CA PRO D 595 -13.49 18.94 -4.63
C PRO D 595 -13.18 19.22 -3.17
N ASP D 596 -13.30 20.47 -2.72
CA ASP D 596 -13.04 20.81 -1.32
C ASP D 596 -14.30 20.87 -0.49
N ILE D 597 -15.44 21.17 -1.10
CA ILE D 597 -16.69 21.17 -0.36
C ILE D 597 -17.16 19.73 -0.15
N LEU D 598 -16.84 18.83 -1.07
CA LEU D 598 -17.20 17.43 -0.90
C LEU D 598 -16.13 16.60 -0.23
N SER D 599 -15.06 17.20 0.25
CA SER D 599 -14.12 16.49 1.09
C SER D 599 -14.21 16.91 2.54
N THR D 600 -14.74 18.09 2.81
CA THR D 600 -15.17 18.42 4.16
C THR D 600 -16.31 17.53 4.59
N ALA D 601 -17.37 17.48 3.78
CA ALA D 601 -18.62 16.82 4.13
C ALA D 601 -18.50 15.31 4.27
N VAL D 602 -17.46 14.68 3.71
CA VAL D 602 -17.23 13.28 3.98
C VAL D 602 -16.52 13.12 5.32
N ILE D 603 -15.52 13.95 5.58
CA ILE D 603 -14.72 13.83 6.80
C ILE D 603 -15.42 14.46 7.99
N PHE D 604 -15.79 15.73 7.86
CA PHE D 604 -16.52 16.42 8.92
C PHE D 604 -17.98 15.98 8.99
N GLY D 605 -18.44 15.18 8.03
CA GLY D 605 -19.72 14.51 8.23
C GLY D 605 -19.63 13.40 9.25
N MET D 606 -18.61 12.54 9.14
CA MET D 606 -18.49 11.35 10.00
C MET D 606 -18.28 11.70 11.45
N LEU D 607 -17.59 12.80 11.74
CA LEU D 607 -17.22 13.09 13.12
C LEU D 607 -18.39 13.61 13.93
N ILE D 608 -19.35 14.26 13.29
CA ILE D 608 -20.53 14.76 13.99
C ILE D 608 -21.79 14.02 13.60
N ALA D 609 -21.68 12.87 12.94
CA ALA D 609 -22.88 12.16 12.51
C ALA D 609 -23.53 11.40 13.65
N LEU D 610 -22.73 10.98 14.62
CA LEU D 610 -23.26 10.17 15.70
C LEU D 610 -24.02 10.97 16.76
N PRO D 611 -23.62 12.20 17.16
CA PRO D 611 -24.53 12.96 18.02
C PRO D 611 -25.67 13.64 17.29
N ILE D 612 -25.76 13.57 15.97
CA ILE D 612 -26.94 14.08 15.27
C ILE D 612 -28.00 13.00 15.13
N THR D 613 -27.64 11.81 14.66
CA THR D 613 -28.61 10.74 14.51
C THR D 613 -29.11 10.21 15.84
N LEU D 614 -28.33 10.33 16.91
CA LEU D 614 -28.85 10.06 18.24
C LEU D 614 -29.63 11.23 18.81
N LEU D 615 -29.78 12.32 18.06
CA LEU D 615 -30.64 13.40 18.51
C LEU D 615 -32.01 13.35 17.86
N TYR D 616 -32.11 12.78 16.66
CA TYR D 616 -33.43 12.48 16.13
C TYR D 616 -34.03 11.24 16.77
N TYR D 617 -33.20 10.25 17.12
CA TYR D 617 -33.65 9.02 17.75
C TYR D 617 -34.24 9.24 19.13
N ILE D 618 -33.83 10.31 19.82
CA ILE D 618 -34.47 10.67 21.07
C ILE D 618 -35.72 11.50 20.82
N LEU D 619 -35.68 12.42 19.86
CA LEU D 619 -36.81 13.33 19.65
C LEU D 619 -37.97 12.65 18.94
N LEU D 620 -37.71 11.70 18.06
CA LEU D 620 -38.81 10.98 17.42
C LEU D 620 -39.50 10.05 18.40
N GLY D 621 -38.74 9.38 19.27
CA GLY D 621 -39.29 8.42 20.19
C GLY D 621 -40.13 9.01 21.31
N LEU D 622 -40.00 10.31 21.56
CA LEU D 622 -40.86 10.98 22.53
C LEU D 622 -42.28 11.06 22.01
#